data_2IMB
#
_entry.id   2IMB
#
_cell.length_a   74.238
_cell.length_b   67.928
_cell.length_c   98.305
_cell.angle_alpha   90.00
_cell.angle_beta   105.10
_cell.angle_gamma   90.00
#
_symmetry.space_group_name_H-M   'P 1 21 1'
#
loop_
_entity.id
_entity.type
_entity.pdbx_description
1 polymer 'Botulinum neurotoxin A light-chain'
2 non-polymer 'ZINC ION'
3 non-polymer N-HYDROXY-L-ARGININAMIDE
4 water water
#
_entity_poly.entity_id   1
_entity_poly.type   'polypeptide(L)'
_entity_poly.pdbx_seq_one_letter_code
;MGSSHHHHHHSSGLVPRGSHMQFVNKQFNYKDPVNGVDIAYIKIPNVGQMQPVKAFKIHNKIWVIPERDTFTNPEEGDLN
PPPEAKQVPVSYYDSTYLSTDNEKDNYLKGVTKLFERIYSTDLGRMLLTSIVRGIPFWGGSTIDTELKVIDTNCINVIQP
DGSYRSEELNLVIIGPSADIIQFECKSFGHEVLNLTRNGYGSTQYIRFSPDFTFGFEESLEVDTNPLLGAGKFATDPAVT
LAHELIHAGHRLYGIAINPNRVFKVNTNAYYEMSGLEVSFEELRTFGGHDAKFIDSLQENEFRLYYYNKFKDIASTLNKA
KSIVGTTASLQYMKNVFKEKYLLSEDTSGKFSVDKLKFDKLYKMLTEIYTEDNFVKFFKVLNRKTYLNFDKAVFKINIVP
KVNYTIYDGFNLRNTNLAANFNGQNTEINNMNFTKLKNFTGLFE
;
_entity_poly.pdbx_strand_id   A,B
#
loop_
_chem_comp.id
_chem_comp.type
_chem_comp.name
_chem_comp.formula
AHL non-polymer N-HYDROXY-L-ARGININAMIDE 'C6 H15 N5 O2'
ZN non-polymer 'ZINC ION' 'Zn 2'
#
# COMPACT_ATOMS: atom_id res chain seq x y z
N SER A 11 5.07 -19.55 -10.36
CA SER A 11 5.09 -19.96 -11.83
C SER A 11 4.56 -18.84 -12.77
N SER A 12 3.71 -17.99 -12.24
CA SER A 12 3.60 -16.60 -12.73
C SER A 12 4.69 -15.70 -12.12
N GLY A 13 5.16 -16.02 -10.93
CA GLY A 13 6.09 -15.17 -10.18
C GLY A 13 5.52 -13.84 -9.71
N LEU A 14 4.25 -13.81 -9.30
CA LEU A 14 3.59 -12.58 -8.83
C LEU A 14 4.20 -12.04 -7.52
N VAL A 15 4.90 -12.92 -6.81
CA VAL A 15 5.55 -12.60 -5.55
C VAL A 15 7.01 -13.08 -5.51
N PRO A 16 7.90 -12.33 -6.19
CA PRO A 16 9.36 -12.57 -6.10
C PRO A 16 10.00 -12.29 -4.71
N ARG A 17 9.44 -11.36 -3.93
CA ARG A 17 9.93 -11.09 -2.56
C ARG A 17 8.80 -11.07 -1.56
N GLY A 18 9.02 -11.71 -0.41
CA GLY A 18 8.00 -11.73 0.66
C GLY A 18 6.95 -12.84 0.53
N SER A 19 5.84 -12.65 1.24
CA SER A 19 4.80 -13.65 1.36
C SER A 19 3.64 -13.33 0.44
N HIS A 20 3.31 -12.03 0.30
CA HIS A 20 2.17 -11.58 -0.54
C HIS A 20 2.48 -10.39 -1.48
N MET A 21 1.58 -10.13 -2.44
CA MET A 21 1.64 -8.97 -3.37
C MET A 21 1.44 -7.64 -2.62
N GLN A 22 2.16 -6.60 -3.04
CA GLN A 22 2.26 -5.34 -2.25
C GLN A 22 1.31 -4.21 -2.71
N PHE A 23 0.88 -4.20 -3.97
CA PHE A 23 -0.18 -3.26 -4.39
C PHE A 23 -1.54 -3.96 -4.67
N VAL A 24 -1.52 -5.05 -5.45
CA VAL A 24 -2.76 -5.80 -5.76
C VAL A 24 -3.14 -6.70 -4.58
N ASN A 25 -4.41 -6.66 -4.18
CA ASN A 25 -4.88 -7.24 -2.92
C ASN A 25 -5.13 -8.76 -2.90
N LYS A 26 -5.38 -9.36 -4.06
CA LYS A 26 -5.57 -10.81 -4.17
C LYS A 26 -4.87 -11.39 -5.37
N GLN A 27 -4.37 -12.62 -5.22
CA GLN A 27 -4.09 -13.45 -6.41
C GLN A 27 -5.40 -14.05 -6.94
N PHE A 28 -6.09 -13.30 -7.80
CA PHE A 28 -7.33 -13.75 -8.42
C PHE A 28 -7.15 -14.78 -9.57
N ASN A 29 -8.15 -15.63 -9.76
CA ASN A 29 -8.34 -16.42 -11.00
C ASN A 29 -9.65 -15.98 -11.60
N TYR A 30 -9.79 -16.01 -12.92
CA TYR A 30 -11.06 -15.55 -13.52
C TYR A 30 -12.28 -16.38 -13.05
N LYS A 31 -12.06 -17.66 -12.79
CA LYS A 31 -13.12 -18.57 -12.32
C LYS A 31 -13.48 -18.47 -10.84
N ASP A 32 -12.78 -17.64 -10.08
CA ASP A 32 -13.15 -17.42 -8.66
C ASP A 32 -14.64 -17.03 -8.53
N PRO A 33 -15.32 -17.60 -7.52
CA PRO A 33 -16.71 -17.23 -7.26
C PRO A 33 -16.93 -15.73 -7.05
N VAL A 34 -17.93 -15.17 -7.69
CA VAL A 34 -18.39 -13.82 -7.33
C VAL A 34 -18.67 -13.81 -5.83
N ASN A 35 -18.34 -12.70 -5.17
CA ASN A 35 -18.52 -12.56 -3.72
C ASN A 35 -19.12 -11.21 -3.22
N GLY A 36 -19.41 -10.26 -4.14
CA GLY A 36 -20.01 -8.97 -3.78
C GLY A 36 -19.13 -7.83 -3.28
N VAL A 37 -17.89 -8.16 -2.91
CA VAL A 37 -16.92 -7.19 -2.37
C VAL A 37 -15.77 -6.89 -3.36
N ASP A 38 -14.88 -7.84 -3.61
CA ASP A 38 -13.77 -7.62 -4.54
C ASP A 38 -13.82 -8.47 -5.84
N ILE A 39 -14.85 -9.32 -5.98
CA ILE A 39 -15.22 -9.99 -7.23
C ILE A 39 -16.73 -9.82 -7.39
N ALA A 40 -17.18 -9.19 -8.48
CA ALA A 40 -18.59 -8.81 -8.64
C ALA A 40 -19.03 -8.50 -10.08
N TYR A 41 -20.35 -8.62 -10.31
CA TYR A 41 -21.04 -8.17 -11.51
C TYR A 41 -21.36 -6.69 -11.35
N ILE A 42 -21.06 -5.89 -12.35
CA ILE A 42 -21.14 -4.45 -12.17
C ILE A 42 -21.74 -3.92 -13.43
N LYS A 43 -22.30 -2.72 -13.36
CA LYS A 43 -22.67 -1.95 -14.56
C LYS A 43 -22.29 -0.44 -14.43
N ILE A 44 -22.00 0.17 -15.60
CA ILE A 44 -21.50 1.57 -15.67
C ILE A 44 -22.69 2.50 -15.81
N PRO A 52 -23.89 -6.10 -18.36
CA PRO A 52 -23.75 -6.59 -16.96
C PRO A 52 -22.54 -7.51 -16.84
N VAL A 53 -21.42 -7.01 -16.31
CA VAL A 53 -20.08 -7.62 -16.49
C VAL A 53 -19.34 -7.95 -15.21
N LYS A 54 -18.50 -8.98 -15.26
CA LYS A 54 -17.74 -9.47 -14.09
C LYS A 54 -16.41 -8.77 -13.98
N ALA A 55 -16.13 -8.25 -12.79
CA ALA A 55 -14.97 -7.35 -12.56
C ALA A 55 -14.28 -7.64 -11.23
N PHE A 56 -13.01 -7.24 -11.17
CA PHE A 56 -12.09 -7.58 -10.08
C PHE A 56 -11.53 -6.31 -9.50
N LYS A 57 -11.64 -6.20 -8.18
CA LYS A 57 -11.15 -5.05 -7.47
C LYS A 57 -9.70 -5.31 -6.97
N ILE A 58 -8.75 -4.72 -7.68
CA ILE A 58 -7.37 -4.99 -7.44
C ILE A 58 -6.80 -4.15 -6.28
N HIS A 59 -7.44 -3.01 -5.95
CA HIS A 59 -6.95 -2.10 -4.91
C HIS A 59 -8.10 -1.14 -4.55
N ASN A 60 -8.02 -0.50 -3.40
CA ASN A 60 -8.90 0.64 -3.10
C ASN A 60 -8.97 1.59 -4.33
N LYS A 61 -10.14 1.74 -4.89
CA LYS A 61 -10.48 2.74 -5.93
C LYS A 61 -10.12 2.31 -7.36
N ILE A 62 -9.72 1.06 -7.54
CA ILE A 62 -9.28 0.57 -8.85
C ILE A 62 -9.84 -0.81 -9.20
N TRP A 63 -10.54 -0.88 -10.32
CA TRP A 63 -11.11 -2.13 -10.78
C TRP A 63 -10.58 -2.49 -12.16
N VAL A 64 -10.45 -3.80 -12.43
CA VAL A 64 -10.17 -4.32 -13.75
C VAL A 64 -11.41 -5.07 -14.27
N ILE A 65 -11.76 -4.80 -15.53
CA ILE A 65 -12.88 -5.43 -16.22
C ILE A 65 -12.28 -6.12 -17.43
N PRO A 66 -11.98 -7.41 -17.33
CA PRO A 66 -11.38 -8.16 -18.49
C PRO A 66 -12.32 -8.39 -19.69
N GLU A 67 -12.81 -7.33 -20.33
CA GLU A 67 -13.78 -7.47 -21.42
C GLU A 67 -13.46 -6.44 -22.50
N ARG A 68 -13.60 -6.79 -23.78
CA ARG A 68 -13.57 -5.77 -24.82
C ARG A 68 -14.58 -4.66 -24.46
N ASP A 69 -14.22 -3.41 -24.77
CA ASP A 69 -15.01 -2.26 -24.37
C ASP A 69 -15.97 -1.90 -25.49
N THR A 70 -17.14 -2.53 -25.43
CA THR A 70 -18.31 -2.15 -26.20
C THR A 70 -19.25 -1.22 -25.37
N PHE A 71 -18.76 -0.72 -24.23
CA PHE A 71 -19.61 -0.11 -23.17
C PHE A 71 -19.55 1.40 -23.01
N THR A 72 -18.37 1.99 -23.08
CA THR A 72 -18.22 3.37 -22.69
C THR A 72 -18.72 4.32 -23.77
N ASN A 73 -18.78 3.84 -25.02
CA ASN A 73 -19.24 4.69 -26.15
C ASN A 73 -20.34 3.99 -27.00
N PRO A 74 -21.56 4.59 -27.08
CA PRO A 74 -22.72 3.95 -27.78
C PRO A 74 -22.55 3.79 -29.30
N GLU A 75 -21.67 4.59 -29.91
CA GLU A 75 -21.28 4.40 -31.31
C GLU A 75 -20.16 3.37 -31.44
N GLU A 76 -19.76 2.73 -30.33
CA GLU A 76 -18.77 1.66 -30.34
C GLU A 76 -19.25 0.46 -29.50
N GLY A 77 -20.44 -0.02 -29.82
CA GLY A 77 -20.97 -1.24 -29.20
C GLY A 77 -20.70 -2.52 -30.00
N ASP A 78 -19.73 -2.47 -30.93
CA ASP A 78 -19.41 -3.63 -31.77
C ASP A 78 -17.95 -3.60 -32.24
N LEU A 79 -17.36 -4.79 -32.38
CA LEU A 79 -15.93 -4.92 -32.66
C LEU A 79 -15.63 -5.14 -34.16
N ASN A 80 -16.47 -4.51 -35.00
CA ASN A 80 -16.37 -4.58 -36.47
C ASN A 80 -15.41 -3.51 -37.04
N PRO A 81 -14.52 -3.92 -37.96
CA PRO A 81 -13.73 -2.92 -38.72
C PRO A 81 -14.59 -2.13 -39.73
N PRO A 82 -14.40 -0.78 -39.81
CA PRO A 82 -15.24 0.07 -40.68
C PRO A 82 -15.15 -0.25 -42.19
N VAL A 88 -7.72 3.63 -41.77
CA VAL A 88 -7.04 2.58 -41.06
C VAL A 88 -5.51 2.83 -41.13
N PRO A 89 -4.99 3.84 -40.38
CA PRO A 89 -3.52 4.14 -40.31
C PRO A 89 -2.70 3.02 -39.61
N VAL A 90 -2.05 3.30 -38.46
CA VAL A 90 -1.63 2.24 -37.52
C VAL A 90 -2.85 1.70 -36.72
N SER A 91 -3.37 0.54 -37.15
CA SER A 91 -4.51 -0.15 -36.51
C SER A 91 -4.40 -1.67 -36.65
N TYR A 92 -5.17 -2.39 -35.84
CA TYR A 92 -5.20 -3.85 -35.85
C TYR A 92 -6.49 -4.38 -35.25
N TYR A 93 -7.25 -5.14 -36.03
CA TYR A 93 -8.53 -5.73 -35.61
C TYR A 93 -8.47 -7.26 -35.52
N ASP A 94 -9.32 -7.80 -34.63
CA ASP A 94 -9.51 -9.24 -34.35
C ASP A 94 -10.69 -9.33 -33.38
N SER A 95 -11.88 -9.61 -33.90
CA SER A 95 -13.12 -9.59 -33.09
C SER A 95 -13.24 -10.74 -32.09
N THR A 96 -12.28 -11.67 -32.18
CA THR A 96 -12.15 -12.93 -31.44
C THR A 96 -11.31 -12.80 -30.14
N TYR A 97 -10.47 -11.76 -30.09
CA TYR A 97 -9.62 -11.50 -28.91
C TYR A 97 -10.43 -11.14 -27.63
N LEU A 98 -10.06 -11.85 -26.54
CA LEU A 98 -10.58 -11.63 -25.18
C LEU A 98 -12.05 -12.14 -25.11
N SER A 99 -12.30 -13.30 -25.74
CA SER A 99 -13.67 -13.92 -25.79
C SER A 99 -13.81 -15.23 -24.98
N THR A 100 -12.72 -15.91 -24.70
CA THR A 100 -12.78 -17.09 -23.86
C THR A 100 -12.31 -16.73 -22.46
N ASP A 101 -12.61 -17.64 -21.54
CA ASP A 101 -12.30 -17.51 -20.14
C ASP A 101 -10.82 -17.65 -19.85
N ASN A 102 -10.10 -18.46 -20.62
CA ASN A 102 -8.67 -18.64 -20.37
C ASN A 102 -7.92 -17.39 -20.75
N GLU A 103 -8.29 -16.81 -21.89
CA GLU A 103 -7.88 -15.47 -22.27
C GLU A 103 -8.15 -14.38 -21.22
N LYS A 104 -9.38 -14.31 -20.72
CA LYS A 104 -9.74 -13.43 -19.60
C LYS A 104 -8.87 -13.59 -18.32
N ASP A 105 -8.63 -14.83 -17.91
CA ASP A 105 -7.73 -15.15 -16.81
C ASP A 105 -6.29 -14.70 -17.12
N ASN A 106 -5.84 -14.91 -18.34
CA ASN A 106 -4.51 -14.41 -18.71
C ASN A 106 -4.39 -12.85 -18.70
N TYR A 107 -5.43 -12.16 -19.19
CA TYR A 107 -5.51 -10.70 -19.24
C TYR A 107 -5.33 -10.20 -17.82
N LEU A 108 -6.18 -10.69 -16.92
CA LEU A 108 -6.22 -10.26 -15.51
C LEU A 108 -4.93 -10.49 -14.69
N LYS A 109 -4.32 -11.66 -14.85
CA LYS A 109 -2.99 -11.92 -14.29
C LYS A 109 -1.86 -11.08 -14.96
N GLY A 110 -1.98 -10.85 -16.27
CA GLY A 110 -1.06 -9.93 -16.97
C GLY A 110 -1.06 -8.50 -16.44
N VAL A 111 -2.24 -7.90 -16.32
CA VAL A 111 -2.45 -6.56 -15.75
C VAL A 111 -1.97 -6.47 -14.28
N THR A 112 -2.39 -7.47 -13.48
CA THR A 112 -1.95 -7.64 -12.10
C THR A 112 -0.42 -7.55 -11.95
N LYS A 113 0.26 -8.27 -12.83
CA LYS A 113 1.74 -8.39 -12.83
C LYS A 113 2.44 -7.08 -13.21
N LEU A 114 1.87 -6.38 -14.19
CA LEU A 114 2.28 -5.01 -14.55
C LEU A 114 2.22 -3.96 -13.38
N PHE A 115 1.09 -3.84 -12.70
CA PHE A 115 0.94 -2.98 -11.51
C PHE A 115 1.97 -3.38 -10.46
N GLU A 116 2.21 -4.67 -10.24
CA GLU A 116 3.29 -5.08 -9.30
C GLU A 116 4.72 -4.70 -9.77
N ARG A 117 4.94 -4.76 -11.09
CA ARG A 117 6.15 -4.23 -11.74
C ARG A 117 6.27 -2.73 -11.58
N ILE A 118 5.17 -2.04 -11.81
CA ILE A 118 5.21 -0.59 -11.66
C ILE A 118 5.46 -0.21 -10.18
N TYR A 119 4.82 -0.95 -9.27
CA TYR A 119 4.93 -0.69 -7.83
C TYR A 119 6.29 -1.09 -7.21
N SER A 120 7.10 -1.88 -7.93
CA SER A 120 8.43 -2.27 -7.46
C SER A 120 9.48 -1.16 -7.63
N THR A 121 9.09 -0.06 -8.27
CA THR A 121 9.96 1.08 -8.42
C THR A 121 9.51 2.22 -7.51
N ASP A 122 10.47 3.01 -7.04
CA ASP A 122 10.12 4.23 -6.29
C ASP A 122 9.13 5.10 -7.04
N LEU A 123 9.40 5.39 -8.31
CA LEU A 123 8.53 6.29 -9.08
C LEU A 123 7.09 5.81 -9.19
N GLY A 124 6.91 4.51 -9.41
CA GLY A 124 5.58 3.93 -9.56
C GLY A 124 4.76 3.86 -8.27
N ARG A 125 5.43 3.59 -7.14
CA ARG A 125 4.83 3.78 -5.77
C ARG A 125 4.36 5.17 -5.48
N MET A 126 5.15 6.16 -5.89
CA MET A 126 4.67 7.57 -5.83
C MET A 126 3.48 7.77 -6.73
N LEU A 127 3.58 7.36 -8.02
CA LEU A 127 2.47 7.58 -9.01
C LEU A 127 1.17 6.94 -8.59
N LEU A 128 1.23 5.69 -8.13
CA LEU A 128 0.00 4.96 -7.80
C LEU A 128 -0.69 5.46 -6.53
N THR A 129 0.10 5.87 -5.53
CA THR A 129 -0.42 6.62 -4.36
C THR A 129 -1.16 7.92 -4.79
N SER A 130 -0.55 8.74 -5.63
CA SER A 130 -1.22 9.97 -6.06
C SER A 130 -2.61 9.68 -6.70
N ILE A 131 -2.68 8.65 -7.57
CA ILE A 131 -3.91 8.18 -8.22
C ILE A 131 -5.02 7.75 -7.23
N VAL A 132 -4.71 6.84 -6.29
CA VAL A 132 -5.66 6.44 -5.25
C VAL A 132 -6.15 7.63 -4.38
N ARG A 133 -5.27 8.58 -4.05
CA ARG A 133 -5.73 9.78 -3.27
C ARG A 133 -6.49 10.84 -4.13
N GLY A 134 -6.42 10.69 -5.45
CA GLY A 134 -7.04 11.61 -6.38
C GLY A 134 -8.56 11.51 -6.60
N ILE A 135 -9.36 11.46 -5.54
CA ILE A 135 -10.82 11.23 -5.65
C ILE A 135 -11.46 12.35 -6.42
N PRO A 136 -12.22 12.03 -7.49
CA PRO A 136 -12.97 13.08 -8.16
C PRO A 136 -13.83 13.98 -7.21
N PHE A 137 -13.76 15.30 -7.42
CA PHE A 137 -14.47 16.26 -6.55
C PHE A 137 -16.02 16.07 -6.52
N TRP A 138 -16.61 16.17 -5.33
CA TRP A 138 -18.07 16.15 -5.14
C TRP A 138 -18.60 17.51 -5.54
N GLY A 139 -18.73 17.77 -6.84
CA GLY A 139 -19.24 19.03 -7.36
C GLY A 139 -20.58 18.91 -8.08
N GLY A 140 -21.41 17.95 -7.68
CA GLY A 140 -22.69 17.69 -8.34
C GLY A 140 -23.88 18.66 -8.14
N SER A 141 -23.98 19.29 -6.97
CA SER A 141 -25.16 20.07 -6.60
C SER A 141 -25.41 21.31 -7.51
N THR A 142 -26.67 21.63 -7.76
CA THR A 142 -27.04 22.93 -8.39
C THR A 142 -27.19 24.09 -7.38
N ILE A 143 -26.92 23.80 -6.09
CA ILE A 143 -27.06 24.75 -4.99
C ILE A 143 -25.65 24.94 -4.45
N ASP A 144 -25.16 26.18 -4.51
CA ASP A 144 -23.73 26.46 -4.30
C ASP A 144 -23.29 26.33 -2.86
N THR A 145 -24.14 25.76 -2.00
CA THR A 145 -23.84 25.53 -0.59
C THR A 145 -23.99 24.07 -0.17
N GLU A 146 -24.31 23.22 -1.16
CA GLU A 146 -24.49 21.79 -0.95
C GLU A 146 -23.40 20.96 -1.67
N LEU A 147 -22.72 20.08 -0.94
CA LEU A 147 -21.81 19.10 -1.55
C LEU A 147 -22.60 17.86 -2.02
N LYS A 148 -22.32 17.41 -3.24
CA LYS A 148 -23.02 16.26 -3.82
C LYS A 148 -22.11 15.48 -4.76
N VAL A 149 -22.25 14.17 -4.82
CA VAL A 149 -21.44 13.36 -5.74
C VAL A 149 -21.88 13.62 -7.19
N ILE A 150 -20.99 13.35 -8.15
CA ILE A 150 -21.34 13.25 -9.59
C ILE A 150 -21.42 11.76 -9.98
N ASP A 151 -22.58 11.36 -10.53
CA ASP A 151 -22.95 9.94 -10.79
C ASP A 151 -22.14 9.15 -11.80
N THR A 152 -21.54 9.86 -12.76
CA THR A 152 -20.64 9.26 -13.72
C THR A 152 -19.24 8.97 -13.13
N ASN A 153 -19.02 9.33 -11.87
CA ASN A 153 -17.80 8.96 -11.13
C ASN A 153 -18.03 7.72 -10.22
N CYS A 154 -19.08 6.94 -10.51
CA CYS A 154 -19.39 5.71 -9.77
C CYS A 154 -19.57 4.53 -10.71
N ILE A 155 -19.56 3.33 -10.16
CA ILE A 155 -20.13 2.14 -10.80
C ILE A 155 -21.20 1.53 -9.88
N ASN A 156 -21.96 0.58 -10.41
CA ASN A 156 -22.97 -0.12 -9.64
C ASN A 156 -22.60 -1.58 -9.42
N VAL A 157 -22.41 -1.95 -8.15
CA VAL A 157 -21.84 -3.23 -7.75
C VAL A 157 -22.93 -4.16 -7.23
N ILE A 158 -23.14 -5.27 -7.90
CA ILE A 158 -24.15 -6.20 -7.45
C ILE A 158 -23.58 -6.92 -6.24
N GLN A 159 -24.40 -6.95 -5.18
CA GLN A 159 -23.95 -7.28 -3.83
C GLN A 159 -24.11 -8.76 -3.59
N PRO A 160 -23.73 -9.21 -2.38
CA PRO A 160 -23.90 -10.64 -2.02
C PRO A 160 -25.37 -11.14 -2.06
N ASP A 161 -26.30 -10.35 -1.50
CA ASP A 161 -27.76 -10.67 -1.57
C ASP A 161 -28.38 -10.65 -3.02
N GLY A 162 -27.96 -9.69 -3.85
CA GLY A 162 -28.48 -9.52 -5.23
C GLY A 162 -28.81 -8.09 -5.57
N SER A 163 -28.70 -7.20 -4.58
CA SER A 163 -28.92 -5.76 -4.73
C SER A 163 -27.68 -5.05 -5.27
N TYR A 164 -27.92 -3.86 -5.80
CA TYR A 164 -26.90 -2.91 -6.22
C TYR A 164 -26.56 -1.98 -5.06
N ARG A 165 -25.34 -1.47 -5.09
CA ARG A 165 -25.07 -0.21 -4.43
C ARG A 165 -24.03 0.47 -5.25
N SER A 166 -23.99 1.77 -5.09
CA SER A 166 -23.22 2.63 -5.93
C SER A 166 -21.90 2.70 -5.22
N GLU A 167 -20.80 2.52 -5.95
CA GLU A 167 -19.46 2.62 -5.40
C GLU A 167 -18.70 3.72 -6.16
N GLU A 168 -18.10 4.66 -5.42
CA GLU A 168 -17.17 5.65 -5.98
C GLU A 168 -15.85 4.97 -6.36
N LEU A 169 -15.30 5.29 -7.55
CA LEU A 169 -13.98 4.78 -7.91
C LEU A 169 -13.17 5.80 -8.68
N ASN A 170 -11.86 5.62 -8.71
CA ASN A 170 -10.97 6.53 -9.45
C ASN A 170 -10.57 6.04 -10.87
N LEU A 171 -10.52 4.74 -11.07
CA LEU A 171 -9.87 4.18 -12.25
C LEU A 171 -10.43 2.79 -12.61
N VAL A 172 -10.57 2.58 -13.92
CA VAL A 172 -10.96 1.32 -14.46
C VAL A 172 -9.98 0.92 -15.59
N ILE A 173 -9.39 -0.27 -15.52
CA ILE A 173 -8.70 -0.85 -16.68
C ILE A 173 -9.63 -1.82 -17.38
N ILE A 174 -9.77 -1.65 -18.68
CA ILE A 174 -10.72 -2.39 -19.51
C ILE A 174 -10.04 -2.75 -20.86
N GLY A 175 -10.56 -3.78 -21.54
CA GLY A 175 -10.01 -4.19 -22.81
C GLY A 175 -10.32 -3.14 -23.86
N PRO A 176 -9.57 -3.20 -25.00
CA PRO A 176 -9.73 -2.30 -26.13
C PRO A 176 -11.04 -2.57 -26.87
N SER A 177 -11.60 -1.52 -27.49
CA SER A 177 -12.72 -1.65 -28.40
C SER A 177 -12.26 -2.24 -29.78
N ALA A 178 -12.85 -1.78 -30.90
CA ALA A 178 -12.67 -2.51 -32.17
C ALA A 178 -11.18 -2.56 -32.56
N ASP A 179 -10.55 -1.40 -32.56
CA ASP A 179 -9.13 -1.33 -32.88
C ASP A 179 -8.32 -1.75 -31.62
N ILE A 180 -7.79 -2.96 -31.62
CA ILE A 180 -7.15 -3.47 -30.41
C ILE A 180 -6.00 -2.57 -29.89
N ILE A 181 -5.28 -1.85 -30.76
CA ILE A 181 -4.11 -1.05 -30.31
C ILE A 181 -4.36 0.48 -30.10
N GLN A 182 -5.61 0.90 -30.11
CA GLN A 182 -5.93 2.25 -29.75
C GLN A 182 -6.03 2.40 -28.22
N PHE A 183 -4.90 2.39 -27.56
CA PHE A 183 -4.91 2.54 -26.11
C PHE A 183 -5.14 3.99 -25.79
N GLU A 184 -6.01 4.25 -24.80
CA GLU A 184 -6.27 5.58 -24.32
C GLU A 184 -6.92 5.64 -22.93
N CYS A 185 -6.90 6.83 -22.37
CA CYS A 185 -7.46 7.12 -21.08
C CYS A 185 -8.63 8.04 -21.30
N LYS A 186 -9.85 7.63 -21.01
CA LYS A 186 -10.99 8.56 -21.13
C LYS A 186 -11.96 8.55 -19.98
N SER A 187 -12.93 9.45 -20.05
CA SER A 187 -13.85 9.68 -18.96
C SER A 187 -15.14 10.27 -19.49
N PHE A 188 -16.19 10.21 -18.67
CA PHE A 188 -17.50 10.76 -19.04
C PHE A 188 -17.53 12.25 -18.72
N GLY A 189 -18.24 13.00 -19.55
CA GLY A 189 -18.36 14.43 -19.36
C GLY A 189 -19.60 14.93 -18.63
N HIS A 190 -19.56 16.21 -18.32
CA HIS A 190 -20.65 16.93 -17.69
C HIS A 190 -21.19 17.95 -18.72
N GLU A 191 -22.46 18.34 -18.54
CA GLU A 191 -23.11 19.24 -19.50
C GLU A 191 -22.59 20.67 -19.40
N VAL A 192 -22.42 21.17 -18.19
CA VAL A 192 -21.83 22.47 -17.96
C VAL A 192 -20.31 22.37 -17.80
N LEU A 193 -19.87 21.64 -16.76
CA LEU A 193 -18.45 21.64 -16.26
C LEU A 193 -17.45 20.92 -17.20
N ASN A 194 -16.18 21.34 -17.18
CA ASN A 194 -15.05 20.65 -17.85
C ASN A 194 -14.14 19.99 -16.82
N LEU A 195 -14.52 18.79 -16.41
CA LEU A 195 -13.99 18.16 -15.18
C LEU A 195 -12.52 17.84 -15.19
N THR A 196 -11.96 17.62 -16.39
CA THR A 196 -10.53 17.28 -16.57
C THR A 196 -9.62 18.52 -16.66
N ARG A 197 -10.22 19.71 -16.59
CA ARG A 197 -9.54 20.98 -16.80
C ARG A 197 -9.97 22.09 -15.83
N ASN A 198 -10.79 21.77 -14.80
CA ASN A 198 -11.23 22.74 -13.77
C ASN A 198 -10.77 22.40 -12.33
N GLY A 199 -9.87 21.42 -12.16
CA GLY A 199 -9.47 20.96 -10.82
C GLY A 199 -10.25 19.78 -10.22
N TYR A 200 -11.46 19.56 -10.73
CA TYR A 200 -12.37 18.57 -10.12
C TYR A 200 -11.91 17.14 -10.32
N GLY A 201 -11.83 16.74 -11.58
CA GLY A 201 -11.50 15.38 -11.92
C GLY A 201 -12.75 14.54 -12.10
N SER A 202 -12.51 13.34 -12.60
CA SER A 202 -13.54 12.43 -13.03
C SER A 202 -12.89 11.06 -13.09
N THR A 203 -13.69 10.01 -12.91
CA THR A 203 -13.28 8.62 -13.04
C THR A 203 -12.77 8.34 -14.44
N GLN A 204 -11.63 7.63 -14.48
CA GLN A 204 -10.86 7.42 -15.67
C GLN A 204 -10.93 5.98 -16.13
N TYR A 205 -11.20 5.80 -17.42
CA TYR A 205 -11.23 4.48 -18.05
C TYR A 205 -10.00 4.28 -18.92
N ILE A 206 -9.14 3.31 -18.59
CA ILE A 206 -8.05 2.97 -19.49
C ILE A 206 -8.40 1.74 -20.36
N ARG A 207 -8.51 1.96 -21.68
CA ARG A 207 -8.46 0.86 -22.68
C ARG A 207 -7.02 0.40 -22.89
N PHE A 208 -6.76 -0.86 -22.54
CA PHE A 208 -5.41 -1.37 -22.59
C PHE A 208 -5.44 -2.87 -22.77
N SER A 209 -4.40 -3.43 -23.38
CA SER A 209 -4.17 -4.86 -23.37
C SER A 209 -2.74 -5.17 -23.00
N PRO A 210 -2.49 -6.16 -22.08
CA PRO A 210 -1.12 -6.66 -21.85
C PRO A 210 -0.66 -7.76 -22.84
N ASP A 211 -1.54 -8.18 -23.74
CA ASP A 211 -1.26 -9.35 -24.62
C ASP A 211 -0.63 -8.97 -25.95
N PHE A 212 -0.62 -7.66 -26.23
CA PHE A 212 0.07 -7.03 -27.40
C PHE A 212 1.04 -5.88 -27.01
N THR A 213 2.07 -5.72 -27.85
CA THR A 213 3.00 -4.58 -27.79
C THR A 213 3.44 -4.13 -29.21
N PHE A 214 4.23 -3.06 -29.26
CA PHE A 214 4.65 -2.40 -30.51
C PHE A 214 6.14 -2.48 -30.79
N GLY A 215 6.46 -2.39 -32.08
CA GLY A 215 7.84 -2.47 -32.54
C GLY A 215 8.39 -1.11 -32.95
N PHE A 216 9.67 -0.92 -32.64
CA PHE A 216 10.46 0.26 -33.08
C PHE A 216 11.88 -0.18 -33.43
N GLU A 217 12.59 0.61 -34.24
CA GLU A 217 14.00 0.28 -34.62
C GLU A 217 15.06 1.05 -33.83
N GLU A 218 16.17 0.39 -33.52
CA GLU A 218 17.22 1.01 -32.74
C GLU A 218 18.60 0.48 -33.09
N SER A 219 19.56 1.38 -33.07
CA SER A 219 20.93 1.10 -33.48
C SER A 219 21.85 1.13 -32.24
N LEU A 220 22.33 -0.05 -31.86
CA LEU A 220 23.27 -0.19 -30.77
C LEU A 220 24.71 -0.16 -31.33
N ALA A 230 21.01 -2.23 -37.92
CA ALA A 230 19.77 -1.78 -37.31
C ALA A 230 19.11 -2.93 -36.53
N GLY A 231 18.46 -2.58 -35.43
CA GLY A 231 17.97 -3.54 -34.47
C GLY A 231 16.46 -3.45 -34.40
N LYS A 232 15.85 -4.58 -34.07
CA LYS A 232 14.42 -4.73 -34.22
C LYS A 232 13.92 -5.14 -32.80
N PHE A 233 13.29 -4.18 -32.12
CA PHE A 233 12.97 -4.29 -30.67
C PHE A 233 11.48 -4.09 -30.42
N ALA A 234 10.98 -4.57 -29.26
CA ALA A 234 9.58 -4.32 -28.82
C ALA A 234 9.53 -3.53 -27.52
N THR A 235 8.57 -2.58 -27.47
CA THR A 235 8.28 -1.83 -26.23
C THR A 235 7.86 -2.68 -25.00
N ASP A 236 8.40 -2.39 -23.83
CA ASP A 236 7.98 -3.07 -22.59
C ASP A 236 6.61 -2.53 -22.20
N PRO A 237 5.60 -3.41 -22.08
CA PRO A 237 4.22 -3.00 -21.79
C PRO A 237 3.97 -2.37 -20.42
N ALA A 238 4.86 -2.57 -19.43
CA ALA A 238 4.86 -1.77 -18.17
C ALA A 238 4.96 -0.27 -18.47
N VAL A 239 5.86 0.11 -19.37
CA VAL A 239 6.07 1.51 -19.74
C VAL A 239 4.87 2.09 -20.47
N THR A 240 4.18 1.27 -21.25
CA THR A 240 2.95 1.67 -21.95
C THR A 240 1.73 1.89 -21.00
N LEU A 241 1.55 0.98 -20.05
CA LEU A 241 0.57 1.18 -18.97
C LEU A 241 0.89 2.45 -18.18
N ALA A 242 2.15 2.64 -17.83
CA ALA A 242 2.60 3.82 -17.07
C ALA A 242 2.26 5.14 -17.81
N HIS A 243 2.41 5.16 -19.13
CA HIS A 243 2.02 6.30 -19.97
C HIS A 243 0.58 6.63 -19.72
N GLU A 244 -0.26 5.62 -19.75
CA GLU A 244 -1.72 5.78 -19.62
C GLU A 244 -2.11 6.22 -18.22
N LEU A 245 -1.38 5.71 -17.23
CA LEU A 245 -1.66 6.06 -15.84
C LEU A 245 -1.29 7.53 -15.52
N ILE A 246 -0.27 8.02 -16.20
CA ILE A 246 0.16 9.44 -16.14
C ILE A 246 -0.91 10.40 -16.71
N HIS A 247 -1.56 10.03 -17.79
CA HIS A 247 -2.74 10.79 -18.27
C HIS A 247 -3.89 10.78 -17.21
N ALA A 248 -4.04 9.62 -16.56
CA ALA A 248 -5.02 9.43 -15.51
C ALA A 248 -4.82 10.39 -14.33
N GLY A 249 -3.59 10.54 -13.85
CA GLY A 249 -3.23 11.49 -12.76
C GLY A 249 -3.54 12.95 -13.14
N HIS A 250 -3.18 13.34 -14.38
CA HIS A 250 -3.51 14.69 -14.89
C HIS A 250 -5.02 14.94 -14.82
N ARG A 251 -5.79 13.98 -15.35
CA ARG A 251 -7.25 14.16 -15.47
C ARG A 251 -7.99 14.07 -14.13
N LEU A 252 -7.51 13.21 -13.21
CA LEU A 252 -8.01 13.08 -11.84
C LEU A 252 -7.87 14.34 -10.94
N TYR A 253 -6.75 15.07 -11.09
CA TYR A 253 -6.58 16.36 -10.40
C TYR A 253 -7.04 17.58 -11.26
N GLY A 254 -7.71 17.28 -12.39
CA GLY A 254 -8.35 18.26 -13.24
C GLY A 254 -7.39 19.26 -13.89
N ILE A 255 -6.17 18.82 -14.18
CA ILE A 255 -5.18 19.72 -14.73
C ILE A 255 -4.66 19.31 -16.14
N ALA A 256 -5.50 18.71 -16.97
CA ALA A 256 -5.13 18.34 -18.35
C ALA A 256 -5.02 19.58 -19.25
N ILE A 257 -4.16 19.56 -20.27
CA ILE A 257 -4.07 20.71 -21.23
C ILE A 257 -5.20 20.60 -22.31
N ASN A 258 -5.81 21.73 -22.69
CA ASN A 258 -6.82 21.72 -23.75
C ASN A 258 -6.28 20.87 -24.96
N PRO A 259 -7.09 19.93 -25.51
CA PRO A 259 -6.58 19.09 -26.62
C PRO A 259 -6.46 19.86 -27.96
N ASN A 260 -7.02 21.08 -28.00
CA ASN A 260 -6.86 22.00 -29.12
C ASN A 260 -5.51 22.71 -29.18
N ARG A 261 -4.68 22.55 -28.15
CA ARG A 261 -3.29 23.01 -28.19
C ARG A 261 -2.43 21.89 -28.75
N VAL A 262 -1.81 22.11 -29.91
CA VAL A 262 -1.09 21.03 -30.62
C VAL A 262 0.22 21.51 -31.30
N PHE A 263 0.91 20.58 -32.00
CA PHE A 263 1.95 20.90 -33.02
C PHE A 263 1.48 20.38 -34.39
N LYS A 264 1.93 21.07 -35.44
CA LYS A 264 1.49 20.81 -36.82
C LYS A 264 2.21 19.59 -37.41
N GLU A 277 0.02 15.62 -36.20
CA GLU A 277 -0.44 16.30 -34.98
C GLU A 277 0.02 15.61 -33.66
N VAL A 278 0.60 16.40 -32.76
CA VAL A 278 0.84 15.96 -31.37
C VAL A 278 0.42 17.06 -30.39
N SER A 279 -0.39 16.72 -29.39
CA SER A 279 -0.80 17.73 -28.41
C SER A 279 0.26 17.92 -27.33
N PHE A 280 0.17 19.04 -26.64
CA PHE A 280 1.08 19.36 -25.55
C PHE A 280 0.92 18.31 -24.46
N GLU A 281 -0.31 17.84 -24.30
CA GLU A 281 -0.65 16.84 -23.31
C GLU A 281 0.16 15.55 -23.49
N GLU A 282 0.34 15.08 -24.74
CA GLU A 282 1.25 13.95 -25.06
C GLU A 282 2.72 14.27 -24.83
N LEU A 283 3.15 15.45 -25.27
CA LEU A 283 4.55 15.89 -25.13
C LEU A 283 4.95 15.91 -23.65
N ARG A 284 4.07 16.50 -22.82
CA ARG A 284 4.21 16.54 -21.34
C ARG A 284 4.25 15.14 -20.70
N THR A 285 3.37 14.23 -21.14
CA THR A 285 3.35 12.83 -20.61
C THR A 285 4.60 11.98 -20.94
N PHE A 286 5.15 12.13 -22.14
CA PHE A 286 6.43 11.50 -22.57
C PHE A 286 7.61 12.06 -21.78
N GLY A 287 7.60 13.38 -21.62
CA GLY A 287 8.65 14.11 -20.92
C GLY A 287 9.92 14.27 -21.71
N GLY A 288 11.05 14.10 -21.03
CA GLY A 288 12.36 14.22 -21.62
C GLY A 288 12.55 15.59 -22.23
N HIS A 289 13.31 15.58 -23.32
CA HIS A 289 13.63 16.77 -24.07
C HIS A 289 12.42 17.23 -24.89
N ASP A 290 11.53 16.32 -25.21
CA ASP A 290 10.27 16.64 -25.93
C ASP A 290 9.39 17.66 -25.22
N ALA A 291 9.23 17.48 -23.91
CA ALA A 291 8.52 18.44 -23.03
C ALA A 291 9.11 19.85 -23.07
N LYS A 292 10.42 19.95 -23.15
CA LYS A 292 11.10 21.25 -23.16
C LYS A 292 10.65 22.22 -24.25
N PHE A 293 10.01 21.75 -25.32
CA PHE A 293 9.52 22.66 -26.32
C PHE A 293 8.18 23.32 -25.99
N ILE A 294 7.51 22.89 -24.93
CA ILE A 294 6.49 23.76 -24.31
C ILE A 294 7.27 24.92 -23.65
N ASP A 295 7.10 26.14 -24.18
CA ASP A 295 7.93 27.25 -23.71
C ASP A 295 7.61 27.58 -22.23
N SER A 296 8.64 27.89 -21.46
CA SER A 296 8.49 28.18 -20.04
C SER A 296 7.46 29.24 -19.66
N LEU A 297 7.26 30.25 -20.53
CA LEU A 297 6.21 31.27 -20.30
C LEU A 297 4.80 30.69 -20.44
N GLN A 298 4.63 29.73 -21.35
CA GLN A 298 3.35 29.04 -21.47
C GLN A 298 3.05 28.18 -20.23
N GLU A 299 4.10 27.62 -19.64
CA GLU A 299 3.97 26.76 -18.46
C GLU A 299 3.46 27.57 -17.26
N ASN A 300 4.07 28.73 -17.02
CA ASN A 300 3.63 29.67 -15.97
C ASN A 300 2.17 30.04 -16.11
N GLU A 301 1.77 30.31 -17.36
CA GLU A 301 0.38 30.66 -17.66
C GLU A 301 -0.58 29.51 -17.35
N PHE A 302 -0.21 28.29 -17.74
CA PHE A 302 -0.98 27.06 -17.39
C PHE A 302 -1.05 26.85 -15.89
N ARG A 303 0.08 26.92 -15.22
CA ARG A 303 0.13 26.68 -13.78
C ARG A 303 -0.72 27.66 -12.97
N LEU A 304 -0.75 28.93 -13.41
CA LEU A 304 -1.51 30.03 -12.75
C LEU A 304 -3.02 29.89 -12.92
N TYR A 305 -3.46 29.59 -14.14
CA TYR A 305 -4.84 29.13 -14.43
C TYR A 305 -5.35 28.03 -13.47
N TYR A 306 -4.50 27.07 -13.09
CA TYR A 306 -4.88 25.94 -12.21
C TYR A 306 -4.67 26.19 -10.72
N TYR A 307 -3.68 27.01 -10.36
CA TYR A 307 -3.66 27.61 -9.03
C TYR A 307 -5.03 28.24 -8.70
N ASN A 308 -5.53 29.06 -9.63
CA ASN A 308 -6.83 29.72 -9.47
C ASN A 308 -8.02 28.75 -9.38
N LYS A 309 -8.00 27.66 -10.16
CA LYS A 309 -9.10 26.68 -10.12
C LYS A 309 -9.11 25.93 -8.78
N PHE A 310 -7.92 25.59 -8.29
CA PHE A 310 -7.76 25.03 -6.94
C PHE A 310 -8.24 26.05 -5.88
N LYS A 311 -8.13 27.35 -6.19
CA LYS A 311 -8.65 28.46 -5.33
C LYS A 311 -10.17 28.54 -5.29
N ASP A 312 -10.81 28.37 -6.45
CA ASP A 312 -12.27 28.26 -6.54
C ASP A 312 -12.73 27.03 -5.70
N ILE A 313 -12.03 25.90 -5.81
CA ILE A 313 -12.35 24.66 -5.03
C ILE A 313 -12.21 24.86 -3.51
N ALA A 314 -11.16 25.53 -3.03
CA ALA A 314 -11.04 25.81 -1.59
C ALA A 314 -12.29 26.58 -1.02
N SER A 315 -12.78 27.58 -1.76
CA SER A 315 -13.86 28.44 -1.32
C SER A 315 -15.24 27.78 -1.52
N THR A 316 -15.32 26.80 -2.42
CA THR A 316 -16.51 25.97 -2.53
C THR A 316 -16.58 25.10 -1.29
N LEU A 317 -15.45 24.57 -0.86
CA LEU A 317 -15.46 23.79 0.35
C LEU A 317 -15.91 24.71 1.51
N ASN A 318 -15.32 25.91 1.58
CA ASN A 318 -15.61 26.88 2.65
C ASN A 318 -17.07 27.43 2.71
N LYS A 319 -17.64 27.76 1.56
CA LYS A 319 -19.04 28.21 1.45
C LYS A 319 -20.06 27.04 1.43
N ALA A 320 -19.70 25.90 2.01
CA ALA A 320 -20.56 24.71 1.97
C ALA A 320 -21.21 24.49 3.32
N LYS A 321 -22.53 24.35 3.29
CA LYS A 321 -23.34 24.21 4.50
C LYS A 321 -23.98 22.84 4.69
N SER A 322 -24.30 22.14 3.59
CA SER A 322 -24.97 20.82 3.65
C SER A 322 -24.30 19.74 2.78
N ILE A 323 -24.73 18.48 2.96
CA ILE A 323 -24.25 17.32 2.19
C ILE A 323 -25.38 16.29 1.94
N VAL A 324 -25.67 15.98 0.67
CA VAL A 324 -26.66 14.97 0.34
C VAL A 324 -26.03 13.64 -0.03
N GLY A 325 -26.70 12.57 0.37
CA GLY A 325 -26.11 11.25 0.36
C GLY A 325 -25.36 10.98 1.67
N ALA A 328 -22.00 10.00 6.05
CA ALA A 328 -20.74 10.68 6.45
C ALA A 328 -20.98 12.18 6.60
N SER A 329 -20.23 12.85 7.48
CA SER A 329 -20.51 14.28 7.74
C SER A 329 -19.95 15.21 6.66
N LEU A 330 -20.39 16.47 6.70
CA LEU A 330 -19.93 17.49 5.78
C LEU A 330 -18.45 17.71 6.02
N GLN A 331 -18.08 17.78 7.29
CA GLN A 331 -16.70 18.09 7.68
C GLN A 331 -15.77 16.91 7.36
N TYR A 332 -16.26 15.66 7.39
CA TYR A 332 -15.45 14.49 6.97
C TYR A 332 -15.09 14.45 5.46
N MET A 333 -16.10 14.66 4.60
CA MET A 333 -15.87 14.73 3.14
C MET A 333 -15.05 15.93 2.76
N LYS A 334 -15.18 17.00 3.54
CA LYS A 334 -14.38 18.21 3.33
C LYS A 334 -12.87 17.89 3.46
N ASN A 335 -12.58 17.09 4.49
CA ASN A 335 -11.24 16.63 4.85
C ASN A 335 -10.69 15.55 3.90
N VAL A 336 -11.56 14.79 3.23
CA VAL A 336 -11.11 13.95 2.08
C VAL A 336 -10.46 14.87 1.03
N PHE A 337 -11.10 16.00 0.74
CA PHE A 337 -10.61 16.93 -0.27
C PHE A 337 -9.49 17.87 0.17
N LYS A 338 -9.44 18.23 1.46
CA LYS A 338 -8.23 18.84 2.05
C LYS A 338 -6.97 17.95 1.84
N GLU A 339 -7.13 16.66 2.08
CA GLU A 339 -6.06 15.71 1.89
C GLU A 339 -5.66 15.57 0.39
N LYS A 340 -6.64 15.55 -0.54
CA LYS A 340 -6.36 15.39 -2.01
C LYS A 340 -5.58 16.54 -2.58
N TYR A 341 -6.08 17.75 -2.30
CA TYR A 341 -5.53 18.95 -2.90
C TYR A 341 -4.51 19.59 -2.01
N LEU A 342 -4.00 18.89 -0.99
CA LEU A 342 -2.92 19.41 -0.10
C LEU A 342 -3.22 20.82 0.47
N LEU A 343 -4.47 21.02 0.87
CA LEU A 343 -4.94 22.30 1.40
C LEU A 343 -4.57 22.59 2.87
N SER A 344 -4.32 23.87 3.14
CA SER A 344 -4.05 24.36 4.48
C SER A 344 -5.37 24.66 5.21
N GLU A 345 -5.40 24.42 6.52
CA GLU A 345 -6.56 24.76 7.36
C GLU A 345 -6.11 25.65 8.54
N ASP A 346 -6.92 26.66 8.85
CA ASP A 346 -6.61 27.55 9.99
C ASP A 346 -7.44 27.22 11.24
N THR A 347 -7.28 28.05 12.27
CA THR A 347 -8.01 27.92 13.54
C THR A 347 -9.52 28.01 13.40
N SER A 348 -9.98 28.87 12.48
CA SER A 348 -11.38 28.93 12.08
C SER A 348 -11.86 27.61 11.43
N GLY A 349 -10.89 26.76 11.05
CA GLY A 349 -11.15 25.58 10.24
C GLY A 349 -11.32 25.94 8.78
N LYS A 350 -10.76 27.10 8.39
CA LYS A 350 -10.89 27.63 7.03
C LYS A 350 -9.70 27.22 6.11
N PHE A 351 -10.06 26.57 4.99
CA PHE A 351 -9.08 26.08 3.98
C PHE A 351 -8.60 27.13 2.96
N SER A 352 -7.30 27.08 2.64
CA SER A 352 -6.67 27.85 1.57
C SER A 352 -5.63 27.03 0.81
N VAL A 353 -5.17 27.55 -0.31
CA VAL A 353 -4.13 26.91 -1.09
C VAL A 353 -2.77 27.49 -0.66
N ASP A 354 -1.89 26.63 -0.17
CA ASP A 354 -0.47 26.97 0.01
C ASP A 354 0.18 26.93 -1.39
N LYS A 355 1.08 27.87 -1.62
CA LYS A 355 1.76 28.00 -2.91
C LYS A 355 2.90 26.99 -3.05
N LEU A 356 3.67 26.74 -2.00
CA LEU A 356 4.69 25.70 -2.07
C LEU A 356 4.07 24.31 -2.32
N LYS A 357 3.02 24.03 -1.54
CA LYS A 357 2.31 22.76 -1.64
C LYS A 357 1.63 22.55 -3.00
N PHE A 358 1.10 23.61 -3.60
CA PHE A 358 0.55 23.53 -4.94
C PHE A 358 1.67 23.24 -5.93
N ASP A 359 2.73 24.04 -5.93
CA ASP A 359 3.84 23.79 -6.84
C ASP A 359 4.39 22.40 -6.72
N LYS A 360 4.51 21.92 -5.50
CA LYS A 360 4.99 20.54 -5.20
C LYS A 360 4.12 19.46 -5.88
N LEU A 361 2.82 19.45 -5.60
CA LEU A 361 1.88 18.49 -6.25
C LEU A 361 1.87 18.66 -7.77
N TYR A 362 1.70 19.92 -8.23
CA TYR A 362 1.63 20.25 -9.65
C TYR A 362 2.85 19.76 -10.43
N LYS A 363 4.04 20.05 -9.90
CA LYS A 363 5.34 19.57 -10.44
C LYS A 363 5.52 18.07 -10.48
N MET A 364 4.91 17.37 -9.52
CA MET A 364 5.02 15.89 -9.42
C MET A 364 4.20 15.26 -10.53
N LEU A 365 3.01 15.79 -10.70
CA LEU A 365 2.08 15.23 -11.65
C LEU A 365 2.47 15.52 -13.08
N THR A 366 3.06 16.69 -13.31
CA THR A 366 3.30 17.18 -14.69
C THR A 366 4.76 16.98 -15.19
N GLU A 367 5.72 17.05 -14.26
CA GLU A 367 7.16 16.94 -14.59
C GLU A 367 7.91 15.69 -14.19
N ILE A 368 7.54 15.07 -13.08
CA ILE A 368 8.29 13.96 -12.50
C ILE A 368 7.68 12.63 -12.98
N TYR A 369 6.34 12.60 -13.04
CA TYR A 369 5.66 11.42 -13.46
C TYR A 369 5.62 11.51 -15.00
N THR A 370 6.61 10.87 -15.64
CA THR A 370 6.69 10.81 -17.11
C THR A 370 7.15 9.45 -17.59
N GLU A 371 6.86 9.17 -18.87
CA GLU A 371 7.30 7.95 -19.53
C GLU A 371 8.82 7.89 -19.49
N ASP A 372 9.42 9.00 -19.83
CA ASP A 372 10.87 9.03 -19.87
C ASP A 372 11.50 8.57 -18.55
N ASN A 373 10.97 9.04 -17.42
CA ASN A 373 11.53 8.72 -16.10
C ASN A 373 11.32 7.23 -15.69
N PHE A 374 10.21 6.66 -16.10
CA PHE A 374 9.98 5.20 -16.02
C PHE A 374 10.99 4.37 -16.78
N VAL A 375 11.30 4.76 -18.01
CA VAL A 375 12.35 4.05 -18.75
C VAL A 375 13.65 3.99 -17.92
N LYS A 376 14.05 5.13 -17.35
CA LYS A 376 15.22 5.21 -16.47
C LYS A 376 15.17 4.26 -15.25
N PHE A 377 13.98 4.13 -14.67
CA PHE A 377 13.84 3.32 -13.47
C PHE A 377 13.82 1.85 -13.84
N PHE A 378 13.23 1.53 -14.99
CA PHE A 378 13.13 0.12 -15.42
C PHE A 378 14.46 -0.35 -16.03
N LYS A 379 15.25 0.56 -16.55
CA LYS A 379 16.45 0.22 -17.31
C LYS A 379 16.12 -0.67 -18.50
N VAL A 380 15.15 -0.21 -19.30
CA VAL A 380 14.71 -0.89 -20.49
C VAL A 380 15.05 -0.01 -21.69
N LEU A 381 14.94 -0.58 -22.89
CA LEU A 381 15.04 0.15 -24.18
C LEU A 381 13.66 0.59 -24.58
N ASN A 382 13.59 1.75 -25.24
CA ASN A 382 12.34 2.44 -25.55
C ASN A 382 12.66 3.52 -26.56
N ARG A 383 11.66 3.97 -27.29
CA ARG A 383 11.77 5.11 -28.22
C ARG A 383 12.28 6.37 -27.54
N LYS A 384 13.10 7.14 -28.24
CA LYS A 384 13.79 8.31 -27.64
C LYS A 384 12.96 9.64 -27.73
N THR A 385 11.93 9.62 -28.57
CA THR A 385 11.01 10.74 -28.73
C THR A 385 9.56 10.20 -28.94
N TYR A 386 8.56 10.99 -28.59
CA TYR A 386 7.17 10.64 -28.91
C TYR A 386 6.93 10.64 -30.43
N LEU A 387 7.68 11.46 -31.17
CA LEU A 387 7.57 11.55 -32.65
C LEU A 387 7.83 10.24 -33.43
N ASN A 388 8.24 9.16 -32.76
CA ASN A 388 8.52 7.91 -33.45
C ASN A 388 7.29 7.25 -34.05
N PHE A 389 7.45 6.80 -35.30
CA PHE A 389 6.49 5.92 -35.94
C PHE A 389 6.76 4.48 -35.50
N ASP A 390 5.69 3.82 -35.06
CA ASP A 390 5.73 2.38 -34.85
C ASP A 390 5.78 1.65 -36.17
N LYS A 391 6.37 0.49 -36.13
CA LYS A 391 6.46 -0.34 -37.29
C LYS A 391 5.43 -1.46 -37.14
N ALA A 392 5.74 -2.47 -36.32
CA ALA A 392 4.95 -3.67 -36.21
C ALA A 392 4.15 -3.78 -34.90
N VAL A 393 3.13 -4.65 -34.93
CA VAL A 393 2.44 -5.16 -33.74
C VAL A 393 2.78 -6.64 -33.52
N PHE A 394 2.92 -7.03 -32.24
CA PHE A 394 3.27 -8.39 -31.82
C PHE A 394 2.31 -8.92 -30.78
N LYS A 395 2.10 -10.25 -30.82
CA LYS A 395 1.39 -10.98 -29.78
C LYS A 395 2.44 -11.42 -28.78
N ILE A 396 2.14 -11.26 -27.47
CA ILE A 396 3.05 -11.63 -26.38
C ILE A 396 2.28 -12.36 -25.24
N ASN A 397 3.02 -13.03 -24.35
CA ASN A 397 2.48 -13.66 -23.12
C ASN A 397 3.45 -13.49 -21.93
N ILE A 398 3.19 -12.46 -21.13
CA ILE A 398 4.03 -12.11 -19.98
C ILE A 398 3.74 -12.85 -18.66
N VAL A 399 2.67 -13.63 -18.62
CA VAL A 399 2.29 -14.32 -17.37
C VAL A 399 3.34 -15.35 -16.88
N PRO A 400 3.83 -16.26 -17.75
CA PRO A 400 4.87 -17.17 -17.19
C PRO A 400 6.23 -16.48 -16.83
N LYS A 401 6.80 -16.81 -15.68
CA LYS A 401 8.02 -16.19 -15.18
C LYS A 401 9.27 -16.57 -15.98
N VAL A 402 9.15 -17.64 -16.77
CA VAL A 402 10.18 -18.01 -17.75
C VAL A 402 10.19 -17.03 -18.91
N ASN A 403 9.06 -16.32 -19.09
CA ASN A 403 8.91 -15.28 -20.15
C ASN A 403 9.17 -13.83 -19.77
N TYR A 404 8.90 -13.49 -18.51
CA TYR A 404 8.87 -12.09 -18.04
C TYR A 404 8.79 -12.09 -16.53
N THR A 405 9.55 -11.21 -15.92
CA THR A 405 9.51 -11.05 -14.49
C THR A 405 9.13 -9.60 -14.06
N ILE A 406 8.76 -9.51 -12.79
CA ILE A 406 8.50 -8.25 -12.09
C ILE A 406 9.78 -7.37 -11.98
N TYR A 407 10.94 -7.95 -11.70
CA TYR A 407 12.21 -7.20 -11.61
C TYR A 407 12.88 -6.85 -12.95
N ASP A 408 12.91 -7.77 -13.91
CA ASP A 408 13.65 -7.55 -15.18
C ASP A 408 12.81 -7.40 -16.47
N GLY A 409 11.50 -7.55 -16.41
CA GLY A 409 10.70 -7.60 -17.65
C GLY A 409 11.12 -8.78 -18.54
N PHE A 410 11.41 -8.52 -19.81
CA PHE A 410 11.94 -9.58 -20.69
C PHE A 410 13.42 -9.85 -20.47
N ASN A 411 14.15 -8.87 -19.91
CA ASN A 411 15.62 -8.86 -19.98
C ASN A 411 16.26 -9.61 -18.81
N LEU A 412 15.95 -10.91 -18.79
CA LEU A 412 16.06 -11.77 -17.58
C LEU A 412 17.49 -11.95 -17.11
N ARG A 413 17.74 -11.69 -15.82
CA ARG A 413 19.07 -11.74 -15.23
C ARG A 413 19.66 -13.14 -15.26
N ASN A 414 20.97 -13.21 -15.02
CA ASN A 414 21.74 -14.44 -15.13
C ASN A 414 21.29 -15.34 -16.33
N THR A 415 21.16 -14.73 -17.52
CA THR A 415 21.01 -15.44 -18.81
C THR A 415 21.51 -14.52 -19.95
N ASN A 416 21.46 -15.01 -21.20
CA ASN A 416 21.87 -14.19 -22.36
C ASN A 416 20.91 -13.07 -22.69
N LEU A 417 19.73 -13.12 -22.07
CA LEU A 417 18.69 -12.11 -22.25
C LEU A 417 19.03 -10.81 -21.48
N ALA A 418 19.87 -10.98 -20.46
CA ALA A 418 20.33 -9.90 -19.54
C ALA A 418 21.24 -8.80 -20.16
N ALA A 419 21.85 -9.07 -21.31
CA ALA A 419 22.74 -8.12 -21.94
C ALA A 419 22.12 -7.55 -23.21
N ASN A 420 22.35 -6.25 -23.42
CA ASN A 420 22.07 -5.55 -24.67
C ASN A 420 20.61 -5.50 -24.99
N PHE A 421 19.79 -5.54 -23.93
CA PHE A 421 18.34 -5.57 -24.09
C PHE A 421 17.95 -6.75 -25.01
N ASN A 422 18.64 -7.88 -24.82
CA ASN A 422 18.43 -9.08 -25.63
C ASN A 422 17.03 -9.65 -25.56
N GLY A 423 16.34 -9.42 -24.44
CA GLY A 423 14.97 -9.90 -24.23
C GLY A 423 13.90 -9.16 -25.01
N GLN A 424 14.16 -7.87 -25.30
CA GLN A 424 13.29 -7.04 -26.12
C GLN A 424 13.65 -7.12 -27.60
N ASN A 425 14.71 -7.88 -27.92
CA ASN A 425 15.13 -8.10 -29.31
C ASN A 425 14.21 -9.15 -29.91
N THR A 426 13.45 -8.73 -30.92
CA THR A 426 12.39 -9.60 -31.45
C THR A 426 12.91 -10.65 -32.42
N GLU A 427 14.24 -10.66 -32.64
CA GLU A 427 14.88 -11.76 -33.34
C GLU A 427 15.64 -12.71 -32.41
N ILE A 428 16.40 -12.16 -31.47
CA ILE A 428 17.16 -12.99 -30.55
C ILE A 428 16.22 -13.73 -29.62
N ASN A 429 15.28 -12.99 -29.01
CA ASN A 429 14.24 -13.56 -28.15
C ASN A 429 12.95 -13.82 -28.96
N ASN A 430 13.09 -14.44 -30.13
CA ASN A 430 11.98 -14.57 -31.08
C ASN A 430 10.82 -15.38 -30.48
N MET A 431 11.18 -16.32 -29.63
CA MET A 431 10.24 -17.16 -28.86
C MET A 431 9.07 -16.37 -28.21
N ASN A 432 9.39 -15.18 -27.72
CA ASN A 432 8.49 -14.33 -26.96
C ASN A 432 7.69 -13.27 -27.76
N PHE A 433 7.85 -13.23 -29.07
CA PHE A 433 7.14 -12.24 -29.91
C PHE A 433 6.70 -12.86 -31.24
N THR A 434 5.37 -12.85 -31.49
CA THR A 434 4.79 -13.24 -32.75
C THR A 434 4.26 -12.03 -33.53
N LYS A 435 4.72 -11.86 -34.77
CA LYS A 435 4.34 -10.68 -35.58
C LYS A 435 3.01 -10.86 -36.26
N LEU A 436 2.18 -9.82 -36.21
CA LEU A 436 0.84 -9.83 -36.78
C LEU A 436 0.60 -8.79 -37.88
N LYS A 437 0.76 -7.48 -37.64
CA LYS A 437 0.70 -6.47 -38.75
C LYS A 437 2.00 -5.66 -38.91
N ASN A 438 2.07 -4.92 -40.02
CA ASN A 438 3.29 -4.27 -40.62
C ASN A 438 4.64 -4.92 -40.32
N SER B 11 7.80 21.85 11.29
CA SER B 11 7.65 21.06 10.03
C SER B 11 8.20 19.59 10.13
N SER B 12 7.34 18.62 9.78
CA SER B 12 7.52 17.18 10.10
C SER B 12 8.25 16.30 9.08
N GLY B 13 8.10 16.62 7.79
CA GLY B 13 8.70 15.84 6.70
C GLY B 13 8.08 14.48 6.50
N LEU B 14 6.75 14.45 6.55
CA LEU B 14 6.00 13.21 6.44
C LEU B 14 5.95 12.67 4.99
N VAL B 15 6.15 13.55 4.00
CA VAL B 15 6.20 13.17 2.59
C VAL B 15 7.44 13.77 1.88
N PRO B 16 8.62 13.20 2.11
CA PRO B 16 9.83 13.65 1.40
C PRO B 16 9.80 13.42 -0.11
N ARG B 17 9.03 12.40 -0.53
CA ARG B 17 8.90 12.00 -1.93
C ARG B 17 7.45 11.69 -2.32
N GLY B 18 6.97 12.41 -3.34
CA GLY B 18 5.61 12.31 -3.86
C GLY B 18 4.68 13.39 -3.37
N SER B 19 3.39 13.17 -3.55
CA SER B 19 2.42 14.11 -3.09
C SER B 19 1.87 13.74 -1.70
N HIS B 20 1.87 12.44 -1.39
CA HIS B 20 1.09 11.84 -0.28
C HIS B 20 1.86 10.69 0.37
N MET B 21 1.53 10.35 1.60
CA MET B 21 2.20 9.25 2.30
C MET B 21 1.82 7.88 1.72
N GLN B 22 2.74 6.94 1.75
CA GLN B 22 2.51 5.69 1.04
C GLN B 22 1.81 4.61 1.85
N PHE B 23 1.93 4.61 3.17
CA PHE B 23 1.25 3.58 3.99
C PHE B 23 0.07 4.15 4.79
N VAL B 24 0.32 5.21 5.58
CA VAL B 24 -0.65 5.82 6.48
C VAL B 24 -1.50 6.67 5.60
N ASN B 25 -2.82 6.66 5.84
CA ASN B 25 -3.80 7.19 4.87
C ASN B 25 -4.12 8.68 4.95
N LYS B 26 -3.86 9.28 6.10
CA LYS B 26 -4.15 10.69 6.29
C LYS B 26 -3.12 11.32 7.20
N GLN B 27 -2.94 12.63 7.06
CA GLN B 27 -2.15 13.39 8.03
C GLN B 27 -3.11 13.88 9.12
N PHE B 28 -3.22 13.10 10.19
CA PHE B 28 -4.13 13.37 11.27
C PHE B 28 -3.52 14.36 12.25
N ASN B 29 -4.39 15.18 12.83
CA ASN B 29 -4.10 15.90 14.07
C ASN B 29 -4.99 15.30 15.16
N TYR B 30 -4.56 15.33 16.42
CA TYR B 30 -5.42 14.82 17.52
C TYR B 30 -6.74 15.62 17.63
N LYS B 31 -6.66 16.92 17.31
CA LYS B 31 -7.73 17.92 17.32
C LYS B 31 -8.91 17.57 16.40
N ASP B 32 -8.59 16.97 15.25
CA ASP B 32 -9.58 16.51 14.27
C ASP B 32 -10.87 15.94 14.87
N PRO B 33 -12.02 16.42 14.36
CA PRO B 33 -13.28 15.89 14.89
C PRO B 33 -13.54 14.45 14.48
N VAL B 34 -14.04 13.68 15.45
CA VAL B 34 -14.56 12.34 15.25
C VAL B 34 -15.44 12.21 13.97
N ASN B 35 -15.40 11.05 13.32
CA ASN B 35 -16.17 10.91 12.08
C ASN B 35 -16.81 9.53 11.88
N GLY B 36 -16.43 8.56 12.72
CA GLY B 36 -17.02 7.24 12.72
C GLY B 36 -16.51 6.35 11.59
N VAL B 37 -15.57 6.86 10.79
CA VAL B 37 -14.95 6.11 9.71
C VAL B 37 -13.50 5.83 10.04
N ASP B 38 -12.67 6.88 10.13
CA ASP B 38 -11.28 6.70 10.54
C ASP B 38 -10.82 7.54 11.78
N ILE B 39 -11.74 8.31 12.35
CA ILE B 39 -11.61 8.93 13.70
C ILE B 39 -12.86 8.59 14.55
N ALA B 40 -12.64 7.94 15.71
CA ALA B 40 -13.71 7.38 16.50
C ALA B 40 -13.26 7.10 17.93
N TYR B 41 -14.19 7.28 18.87
CA TYR B 41 -14.10 6.74 20.23
C TYR B 41 -14.47 5.26 20.12
N ILE B 42 -13.65 4.38 20.74
CA ILE B 42 -13.83 2.93 20.62
C ILE B 42 -13.66 2.23 21.97
N LYS B 43 -14.06 0.96 22.01
CA LYS B 43 -13.90 0.08 23.17
C LYS B 43 -13.49 -1.31 22.73
N ILE B 44 -12.86 -2.06 23.63
CA ILE B 44 -12.37 -3.39 23.32
C ILE B 44 -13.25 -4.39 24.00
N PRO B 45 -13.82 -5.37 23.24
CA PRO B 45 -14.63 -6.46 23.86
C PRO B 45 -13.95 -7.15 25.05
N ASN B 46 -14.73 -7.65 26.02
CA ASN B 46 -14.16 -8.21 27.29
C ASN B 46 -14.43 -9.72 27.57
N MET B 50 -14.28 0.11 30.47
CA MET B 50 -13.57 1.34 30.10
C MET B 50 -14.50 2.40 29.49
N GLN B 51 -14.14 3.66 29.65
CA GLN B 51 -14.77 4.71 28.86
C GLN B 51 -14.09 4.71 27.49
N PRO B 52 -14.88 4.99 26.47
CA PRO B 52 -14.31 5.04 25.13
C PRO B 52 -13.06 5.92 25.08
N VAL B 53 -12.07 5.46 24.33
CA VAL B 53 -10.92 6.31 24.00
C VAL B 53 -10.89 6.68 22.52
N LYS B 54 -10.40 7.87 22.21
CA LYS B 54 -10.23 8.29 20.82
C LYS B 54 -9.05 7.62 20.05
N ALA B 55 -9.40 7.03 18.88
CA ALA B 55 -8.53 6.23 18.01
C ALA B 55 -8.55 6.71 16.54
N PHE B 56 -7.47 6.37 15.85
CA PHE B 56 -7.24 6.81 14.49
C PHE B 56 -6.83 5.61 13.65
N LYS B 57 -7.53 5.45 12.52
CA LYS B 57 -7.29 4.33 11.61
C LYS B 57 -6.25 4.76 10.57
N ILE B 58 -5.03 4.29 10.77
CA ILE B 58 -3.91 4.70 9.94
C ILE B 58 -3.79 3.87 8.62
N HIS B 59 -4.39 2.69 8.61
CA HIS B 59 -4.40 1.83 7.46
C HIS B 59 -5.52 0.83 7.62
N ASN B 60 -5.93 0.20 6.53
CA ASN B 60 -6.77 -1.05 6.60
C ASN B 60 -6.24 -2.01 7.67
N LYS B 61 -7.10 -2.35 8.63
CA LYS B 61 -6.82 -3.30 9.73
C LYS B 61 -5.92 -2.78 10.84
N ILE B 62 -5.55 -1.50 10.84
CA ILE B 62 -4.62 -0.97 11.87
C ILE B 62 -5.06 0.37 12.46
N TRP B 63 -5.12 0.43 13.80
CA TRP B 63 -5.56 1.62 14.53
C TRP B 63 -4.49 2.02 15.52
N VAL B 64 -4.42 3.32 15.82
CA VAL B 64 -3.54 3.87 16.84
C VAL B 64 -4.37 4.57 17.93
N ILE B 65 -4.17 4.14 19.17
CA ILE B 65 -4.76 4.75 20.38
C ILE B 65 -3.66 5.47 21.21
N PRO B 66 -3.56 6.80 21.07
CA PRO B 66 -2.53 7.56 21.80
C PRO B 66 -2.87 7.81 23.29
N GLU B 67 -3.00 6.71 24.05
CA GLU B 67 -3.32 6.74 25.48
C GLU B 67 -2.44 5.71 26.17
N ARG B 68 -2.22 5.97 27.45
CA ARG B 68 -1.57 5.04 28.31
C ARG B 68 -2.48 3.79 28.44
N ASP B 69 -1.89 2.59 28.37
CA ASP B 69 -2.69 1.36 28.42
C ASP B 69 -3.04 0.98 29.85
N THR B 70 -4.18 1.49 30.29
CA THR B 70 -4.81 1.11 31.56
C THR B 70 -6.02 0.19 31.32
N PHE B 71 -6.08 -0.45 30.15
CA PHE B 71 -7.26 -1.19 29.64
C PHE B 71 -7.04 -2.69 29.36
N THR B 72 -5.90 -3.05 28.78
CA THR B 72 -5.67 -4.43 28.30
C THR B 72 -5.50 -5.49 29.40
N ASN B 73 -5.06 -5.06 30.58
CA ASN B 73 -4.98 -5.98 31.73
C ASN B 73 -5.83 -5.46 32.92
N PRO B 74 -6.71 -6.33 33.46
CA PRO B 74 -7.45 -6.00 34.68
C PRO B 74 -6.57 -5.59 35.85
N GLU B 75 -5.46 -6.30 36.03
CA GLU B 75 -4.55 -6.04 37.15
C GLU B 75 -3.70 -4.76 37.01
N GLU B 76 -3.75 -4.10 35.85
CA GLU B 76 -2.92 -2.94 35.53
C GLU B 76 -3.76 -1.72 35.11
N GLY B 77 -4.65 -1.30 35.98
CA GLY B 77 -5.50 -0.12 35.75
C GLY B 77 -5.00 1.23 36.26
N ASP B 78 -3.75 1.32 36.69
CA ASP B 78 -3.16 2.61 37.12
C ASP B 78 -1.67 2.74 36.78
N LEU B 79 -1.16 3.96 36.91
CA LEU B 79 0.17 4.33 36.41
C LEU B 79 1.19 4.64 37.53
N ASN B 80 0.84 4.31 38.78
CA ASN B 80 1.74 4.46 39.93
C ASN B 80 2.69 3.24 40.04
N PRO B 81 3.96 3.48 40.48
CA PRO B 81 4.98 2.44 40.70
C PRO B 81 4.69 1.46 41.86
N PRO B 82 5.04 0.16 41.73
CA PRO B 82 4.95 -0.82 42.84
C PRO B 82 6.14 -0.77 43.84
N VAL B 90 15.79 -2.56 35.52
CA VAL B 90 15.63 -1.35 34.66
C VAL B 90 14.19 -1.11 34.11
N SER B 91 13.73 0.12 34.27
CA SER B 91 12.34 0.49 34.12
C SER B 91 12.22 2.02 34.32
N TYR B 92 11.08 2.59 34.01
CA TYR B 92 10.90 4.03 34.11
C TYR B 92 9.40 4.35 34.39
N TYR B 93 9.16 5.23 35.36
CA TYR B 93 7.80 5.62 35.77
C TYR B 93 7.61 7.11 35.68
N ASP B 94 6.47 7.52 35.14
CA ASP B 94 6.04 8.90 35.19
C ASP B 94 4.55 8.88 34.82
N SER B 95 3.70 9.04 35.81
CA SER B 95 2.26 8.86 35.58
C SER B 95 1.69 10.05 34.82
N THR B 96 2.50 11.09 34.64
CA THR B 96 2.13 12.28 33.84
C THR B 96 2.37 12.17 32.32
N TYR B 97 3.22 11.24 31.88
CA TYR B 97 3.53 11.09 30.43
C TYR B 97 2.26 10.66 29.67
N LEU B 98 1.93 11.43 28.62
CA LEU B 98 0.84 11.18 27.64
C LEU B 98 -0.55 11.52 28.17
N SER B 99 -0.66 12.71 28.81
CA SER B 99 -1.92 13.12 29.42
C SER B 99 -2.45 14.50 28.97
N THR B 100 -1.85 15.11 27.95
CA THR B 100 -2.33 16.37 27.35
C THR B 100 -2.49 16.16 25.82
N ASP B 101 -3.43 16.89 25.19
CA ASP B 101 -3.67 16.86 23.74
C ASP B 101 -2.46 17.09 22.86
N ASN B 102 -1.48 17.84 23.33
CA ASN B 102 -0.28 18.19 22.54
C ASN B 102 0.70 17.02 22.41
N GLU B 103 0.84 16.30 23.52
CA GLU B 103 1.59 15.05 23.61
C GLU B 103 1.00 13.97 22.76
N LYS B 104 -0.31 13.84 22.79
CA LYS B 104 -1.04 12.84 22.01
C LYS B 104 -1.00 13.13 20.48
N ASP B 105 -1.11 14.42 20.10
CA ASP B 105 -0.81 14.89 18.75
C ASP B 105 0.61 14.48 18.38
N ASN B 106 1.58 14.75 19.24
CA ASN B 106 2.96 14.40 18.96
C ASN B 106 3.17 12.89 18.86
N TYR B 107 2.48 12.14 19.72
CA TYR B 107 2.59 10.67 19.74
C TYR B 107 2.14 10.09 18.40
N LEU B 108 0.95 10.52 18.00
CA LEU B 108 0.28 10.11 16.77
C LEU B 108 1.17 10.35 15.50
N LYS B 109 1.80 11.52 15.46
CA LYS B 109 2.68 11.90 14.38
C LYS B 109 4.08 11.19 14.36
N GLY B 110 4.56 10.76 15.53
CA GLY B 110 5.77 9.95 15.67
C GLY B 110 5.62 8.51 15.20
N VAL B 111 4.50 7.88 15.57
CA VAL B 111 4.21 6.54 15.12
C VAL B 111 3.90 6.51 13.62
N THR B 112 3.14 7.50 13.15
CA THR B 112 2.98 7.73 11.71
C THR B 112 4.34 7.82 10.96
N LYS B 113 5.26 8.62 11.47
CA LYS B 113 6.56 8.80 10.81
C LYS B 113 7.38 7.51 10.81
N LEU B 114 7.30 6.75 11.91
CA LEU B 114 8.03 5.47 11.95
C LEU B 114 7.46 4.43 10.96
N PHE B 115 6.14 4.32 10.83
CA PHE B 115 5.54 3.44 9.83
C PHE B 115 5.98 3.78 8.41
N GLU B 116 5.98 5.06 8.05
CA GLU B 116 6.48 5.53 6.77
C GLU B 116 7.97 5.22 6.57
N ARG B 117 8.76 5.35 7.63
CA ARG B 117 10.17 4.99 7.60
C ARG B 117 10.36 3.50 7.38
N ILE B 118 9.55 2.68 8.05
CA ILE B 118 9.63 1.21 7.89
C ILE B 118 9.19 0.82 6.47
N TYR B 119 8.20 1.51 5.92
CA TYR B 119 7.63 1.15 4.62
C TYR B 119 8.52 1.65 3.48
N SER B 120 9.54 2.45 3.82
CA SER B 120 10.55 2.98 2.87
C SER B 120 11.64 2.00 2.54
N THR B 121 11.71 0.88 3.26
CA THR B 121 12.60 -0.27 2.94
C THR B 121 11.81 -1.41 2.31
N ASP B 122 12.43 -2.19 1.47
CA ASP B 122 11.77 -3.36 0.88
C ASP B 122 11.34 -4.36 1.97
N LEU B 123 12.21 -4.64 2.95
CA LEU B 123 11.89 -5.60 4.04
C LEU B 123 10.64 -5.16 4.84
N GLY B 124 10.49 -3.83 4.97
CA GLY B 124 9.40 -3.24 5.70
C GLY B 124 8.07 -3.30 5.00
N ARG B 125 8.07 -3.16 3.69
CA ARG B 125 6.89 -3.44 2.84
C ARG B 125 6.52 -4.92 2.81
N MET B 126 7.51 -5.80 2.76
CA MET B 126 7.27 -7.25 2.92
C MET B 126 6.51 -7.57 4.22
N LEU B 127 7.07 -7.13 5.33
CA LEU B 127 6.50 -7.38 6.64
C LEU B 127 5.11 -6.78 6.80
N LEU B 128 4.90 -5.57 6.33
CA LEU B 128 3.63 -4.87 6.59
C LEU B 128 2.47 -5.38 5.73
N THR B 129 2.75 -5.77 4.50
CA THR B 129 1.84 -6.57 3.68
C THR B 129 1.52 -7.94 4.30
N SER B 130 2.51 -8.69 4.78
CA SER B 130 2.20 -9.91 5.55
C SER B 130 1.17 -9.69 6.68
N ILE B 131 1.37 -8.64 7.47
CA ILE B 131 0.55 -8.34 8.65
C ILE B 131 -0.88 -8.00 8.28
N VAL B 132 -1.05 -7.07 7.33
CA VAL B 132 -2.37 -6.68 6.86
C VAL B 132 -3.17 -7.84 6.25
N ARG B 133 -2.48 -8.76 5.57
CA ARG B 133 -3.05 -9.99 5.00
C ARG B 133 -3.43 -11.07 6.04
N GLY B 134 -2.87 -10.99 7.24
CA GLY B 134 -2.96 -12.07 8.24
C GLY B 134 -4.11 -11.89 9.17
N ILE B 135 -5.30 -11.84 8.62
CA ILE B 135 -6.53 -11.69 9.38
C ILE B 135 -6.71 -12.90 10.32
N PRO B 136 -7.00 -12.65 11.62
CA PRO B 136 -7.32 -13.83 12.46
C PRO B 136 -8.47 -14.73 11.92
N PHE B 137 -8.27 -16.04 12.03
CA PHE B 137 -9.25 -17.02 11.55
C PHE B 137 -10.62 -16.92 12.24
N TRP B 138 -11.68 -16.96 11.44
CA TRP B 138 -13.07 -17.21 11.90
C TRP B 138 -13.32 -18.65 12.44
N GLY B 139 -12.79 -18.94 13.62
CA GLY B 139 -13.03 -20.23 14.28
C GLY B 139 -13.82 -20.15 15.59
N GLY B 140 -14.75 -19.19 15.69
CA GLY B 140 -15.55 -18.97 16.88
C GLY B 140 -16.70 -19.94 17.11
N SER B 141 -17.08 -20.71 16.09
CA SER B 141 -18.28 -21.57 16.10
C SER B 141 -18.08 -23.01 16.64
N THR B 142 -19.09 -23.52 17.35
CA THR B 142 -19.09 -24.92 17.84
C THR B 142 -19.57 -25.96 16.80
N ILE B 143 -20.28 -25.54 15.75
CA ILE B 143 -20.57 -26.44 14.62
C ILE B 143 -19.38 -26.47 13.65
N ASP B 144 -18.99 -27.65 13.16
CA ASP B 144 -17.75 -27.73 12.36
C ASP B 144 -17.93 -27.44 10.86
N THR B 145 -19.18 -27.18 10.46
CA THR B 145 -19.54 -26.82 9.10
C THR B 145 -19.90 -25.29 8.94
N GLU B 146 -19.65 -24.51 10.00
CA GLU B 146 -20.14 -23.15 10.11
C GLU B 146 -19.01 -22.21 10.48
N LEU B 147 -18.91 -21.06 9.79
CA LEU B 147 -17.83 -20.09 10.03
C LEU B 147 -18.30 -18.86 10.78
N LYS B 148 -17.61 -18.55 11.90
CA LYS B 148 -17.96 -17.43 12.78
C LYS B 148 -16.73 -16.66 13.31
N VAL B 149 -16.86 -15.35 13.41
CA VAL B 149 -15.81 -14.49 13.93
C VAL B 149 -15.56 -14.80 15.44
N ILE B 150 -14.36 -14.55 15.94
CA ILE B 150 -14.11 -14.58 17.39
C ILE B 150 -14.15 -13.14 17.90
N ASP B 151 -15.00 -12.91 18.90
CA ASP B 151 -15.32 -11.58 19.41
C ASP B 151 -14.10 -10.73 19.83
N THR B 152 -13.09 -11.37 20.41
CA THR B 152 -11.91 -10.64 20.89
C THR B 152 -10.98 -10.17 19.76
N ASN B 153 -11.28 -10.56 18.53
CA ASN B 153 -10.56 -10.14 17.34
C ASN B 153 -11.20 -8.91 16.67
N CYS B 154 -11.98 -8.13 17.43
CA CYS B 154 -12.77 -6.96 16.96
C CYS B 154 -12.65 -5.77 17.95
N ILE B 155 -13.02 -4.56 17.51
CA ILE B 155 -13.26 -3.41 18.38
C ILE B 155 -14.68 -2.82 18.15
N ASN B 156 -15.22 -2.15 19.17
CA ASN B 156 -16.54 -1.50 19.07
C ASN B 156 -16.33 0.00 18.84
N VAL B 157 -16.75 0.47 17.66
CA VAL B 157 -16.52 1.84 17.21
C VAL B 157 -17.76 2.59 17.59
N ILE B 158 -17.65 3.59 18.44
CA ILE B 158 -18.83 4.37 18.85
C ILE B 158 -19.24 5.32 17.72
N GLN B 159 -20.54 5.31 17.37
CA GLN B 159 -21.06 6.11 16.25
C GLN B 159 -21.48 7.53 16.70
N PRO B 160 -21.29 8.53 15.80
CA PRO B 160 -21.75 9.91 16.02
C PRO B 160 -23.22 10.07 16.48
N ASP B 161 -23.96 8.97 16.52
CA ASP B 161 -25.32 8.93 17.08
C ASP B 161 -25.46 7.99 18.32
N GLY B 162 -24.37 7.83 19.10
CA GLY B 162 -24.39 7.12 20.41
C GLY B 162 -24.14 5.59 20.51
N SER B 163 -24.27 4.89 19.37
CA SER B 163 -24.22 3.41 19.33
C SER B 163 -22.96 2.74 18.69
N TYR B 164 -22.68 1.51 19.15
CA TYR B 164 -21.64 0.60 18.64
C TYR B 164 -21.70 0.34 17.12
N ARG B 165 -20.59 -0.15 16.59
CA ARG B 165 -20.56 -0.88 15.34
C ARG B 165 -19.31 -1.74 15.46
N SER B 166 -19.46 -3.06 15.35
CA SER B 166 -18.33 -4.00 15.48
C SER B 166 -17.49 -4.05 14.20
N GLU B 167 -16.18 -3.84 14.38
CA GLU B 167 -15.19 -3.84 13.29
C GLU B 167 -14.05 -4.78 13.57
N GLU B 168 -13.76 -5.66 12.63
CA GLU B 168 -12.56 -6.52 12.70
C GLU B 168 -11.26 -5.78 12.38
N LEU B 169 -10.20 -6.13 13.11
CA LEU B 169 -8.90 -5.53 12.96
C LEU B 169 -7.75 -6.47 13.30
N ASN B 170 -6.54 -6.09 12.89
CA ASN B 170 -5.39 -6.93 13.01
C ASN B 170 -4.41 -6.42 14.07
N LEU B 171 -4.26 -5.10 14.14
CA LEU B 171 -3.20 -4.51 14.95
C LEU B 171 -3.66 -3.23 15.58
N VAL B 172 -3.30 -3.05 16.85
CA VAL B 172 -3.51 -1.78 17.58
C VAL B 172 -2.17 -1.39 18.13
N ILE B 173 -1.76 -0.13 17.95
CA ILE B 173 -0.57 0.43 18.58
C ILE B 173 -1.09 1.34 19.70
N ILE B 174 -0.60 1.11 20.92
CA ILE B 174 -1.07 1.82 22.13
C ILE B 174 0.11 2.25 23.02
N GLY B 175 -0.10 3.23 23.90
CA GLY B 175 0.93 3.67 24.81
C GLY B 175 1.24 2.65 25.87
N PRO B 176 2.40 2.83 26.52
CA PRO B 176 2.76 1.87 27.54
C PRO B 176 1.88 2.05 28.80
N SER B 177 1.84 1.00 29.62
CA SER B 177 1.15 1.07 30.90
C SER B 177 2.05 1.79 31.91
N ALA B 178 2.18 1.26 33.14
CA ALA B 178 2.84 1.96 34.23
C ALA B 178 4.31 2.11 33.96
N ASP B 179 4.96 0.99 33.68
CA ASP B 179 6.36 0.93 33.24
C ASP B 179 6.47 1.40 31.78
N ILE B 180 6.77 2.69 31.62
CA ILE B 180 6.83 3.34 30.31
C ILE B 180 7.74 2.61 29.30
N ILE B 181 8.76 1.92 29.78
CA ILE B 181 9.74 1.30 28.86
C ILE B 181 9.55 -0.21 28.64
N GLN B 182 8.39 -0.73 29.08
CA GLN B 182 8.06 -2.16 28.88
C GLN B 182 7.19 -2.34 27.61
N PHE B 183 7.84 -2.52 26.45
CA PHE B 183 7.11 -2.69 25.20
C PHE B 183 6.83 -4.15 25.03
N GLU B 184 5.59 -4.49 24.66
CA GLU B 184 5.27 -5.83 24.24
C GLU B 184 4.14 -5.92 23.25
N CYS B 185 4.15 -7.03 22.53
CA CYS B 185 3.06 -7.48 21.70
C CYS B 185 2.28 -8.50 22.51
N LYS B 186 0.98 -8.28 22.55
CA LYS B 186 0.05 -8.75 23.56
C LYS B 186 -1.29 -9.08 22.88
N SER B 187 -2.03 -10.09 23.36
CA SER B 187 -3.38 -10.36 22.84
C SER B 187 -4.31 -11.14 23.80
N PHE B 188 -5.61 -11.12 23.49
CA PHE B 188 -6.63 -11.74 24.29
C PHE B 188 -6.78 -13.22 24.01
N GLY B 189 -7.04 -13.98 25.07
CA GLY B 189 -7.11 -15.43 25.03
C GLY B 189 -8.49 -15.92 24.67
N HIS B 190 -8.56 -17.16 24.24
CA HIS B 190 -9.81 -17.89 24.13
C HIS B 190 -9.80 -18.95 25.25
N GLU B 191 -10.98 -19.39 25.61
CA GLU B 191 -11.20 -20.22 26.78
C GLU B 191 -10.55 -21.60 26.58
N VAL B 192 -10.68 -22.16 25.38
CA VAL B 192 -10.12 -23.49 25.07
C VAL B 192 -8.96 -23.44 24.05
N LEU B 193 -9.11 -22.59 23.04
CA LEU B 193 -8.15 -22.49 21.94
C LEU B 193 -6.93 -21.67 22.34
N ASN B 194 -5.75 -22.08 21.85
CA ASN B 194 -4.51 -21.29 21.95
C ASN B 194 -4.19 -20.55 20.63
N LEU B 195 -4.82 -19.38 20.46
CA LEU B 195 -4.92 -18.68 19.16
C LEU B 195 -3.58 -18.27 18.48
N THR B 196 -2.54 -18.07 19.27
CA THR B 196 -1.24 -17.67 18.78
C THR B 196 -0.28 -18.85 18.64
N ARG B 197 -0.76 -20.06 18.94
CA ARG B 197 0.04 -21.30 18.83
C ARG B 197 -0.69 -22.43 18.10
N ASN B 198 -1.87 -22.18 17.52
CA ASN B 198 -2.61 -23.21 16.72
C ASN B 198 -2.86 -22.90 15.21
N GLY B 199 -2.19 -21.87 14.70
CA GLY B 199 -2.38 -21.42 13.30
C GLY B 199 -3.44 -20.37 13.03
N TYR B 200 -4.25 -20.04 14.05
CA TYR B 200 -5.44 -19.21 13.86
C TYR B 200 -5.09 -17.71 13.88
N GLY B 201 -4.38 -17.32 14.95
CA GLY B 201 -4.02 -15.95 15.16
C GLY B 201 -5.07 -15.16 15.89
N SER B 202 -4.64 -14.04 16.49
CA SER B 202 -5.49 -13.12 17.22
C SER B 202 -5.05 -11.66 16.99
N THR B 203 -5.96 -10.71 17.25
CA THR B 203 -5.71 -9.27 17.12
C THR B 203 -4.60 -8.91 18.08
N GLN B 204 -3.57 -8.25 17.56
CA GLN B 204 -2.38 -7.91 18.36
C GLN B 204 -2.38 -6.45 18.86
N TYR B 205 -2.08 -6.29 20.15
CA TYR B 205 -1.93 -5.01 20.82
C TYR B 205 -0.45 -4.77 21.20
N ILE B 206 0.15 -3.76 20.57
CA ILE B 206 1.56 -3.40 20.83
C ILE B 206 1.63 -2.17 21.73
N ARG B 207 2.10 -2.39 22.95
CA ARG B 207 2.58 -1.33 23.85
C ARG B 207 3.94 -0.76 23.38
N PHE B 208 3.95 0.57 23.13
CA PHE B 208 5.05 1.28 22.48
C PHE B 208 4.98 2.81 22.62
N SER B 209 6.16 3.43 22.66
CA SER B 209 6.30 4.86 22.70
C SER B 209 7.46 5.21 21.80
N PRO B 210 7.22 6.18 20.86
CA PRO B 210 8.22 6.82 20.02
C PRO B 210 8.98 7.96 20.74
N ASP B 211 8.56 8.29 21.96
CA ASP B 211 9.06 9.45 22.69
C ASP B 211 10.27 9.08 23.59
N PHE B 212 10.67 7.81 23.56
CA PHE B 212 11.84 7.30 24.30
C PHE B 212 12.65 6.28 23.49
N THR B 213 13.97 6.25 23.71
CA THR B 213 14.81 5.15 23.25
C THR B 213 15.88 4.73 24.26
N PHE B 214 16.62 3.67 23.91
CA PHE B 214 17.61 2.99 24.76
C PHE B 214 19.05 3.09 24.26
N GLY B 215 20.01 3.08 25.19
CA GLY B 215 21.42 3.15 24.89
C GLY B 215 22.17 1.81 24.90
N PHE B 216 23.13 1.68 23.98
CA PHE B 216 24.00 0.50 23.85
C PHE B 216 25.44 0.97 23.58
N GLU B 217 26.42 0.08 23.69
CA GLU B 217 27.83 0.43 23.58
C GLU B 217 28.54 -0.41 22.49
N GLU B 218 29.52 0.18 21.79
CA GLU B 218 30.32 -0.58 20.78
C GLU B 218 31.49 -1.34 21.43
N SER B 219 32.07 -2.32 20.72
CA SER B 219 33.29 -2.94 21.25
C SER B 219 34.43 -1.91 21.30
N LEU B 220 35.44 -2.19 22.13
CA LEU B 220 36.65 -1.34 22.23
C LEU B 220 37.36 -1.17 20.88
N GLU B 221 37.11 -2.10 19.97
CA GLU B 221 37.75 -2.13 18.66
C GLU B 221 36.70 -2.55 17.65
N VAL B 222 36.33 -1.64 16.74
CA VAL B 222 35.44 -1.98 15.62
C VAL B 222 36.29 -1.85 14.34
N ASP B 223 36.64 -3.00 13.79
CA ASP B 223 37.70 -3.12 12.77
C ASP B 223 37.36 -2.44 11.42
N THR B 224 36.07 -2.39 11.08
CA THR B 224 35.63 -1.86 9.78
C THR B 224 35.63 -0.31 9.73
N ASN B 225 35.20 0.32 10.84
CA ASN B 225 35.34 1.77 11.06
C ASN B 225 35.85 2.03 12.47
N PRO B 226 37.12 2.45 12.61
CA PRO B 226 37.71 2.59 13.96
C PRO B 226 37.32 3.82 14.80
N LEU B 227 36.51 4.74 14.26
CA LEU B 227 36.02 5.90 15.06
C LEU B 227 34.89 5.48 16.02
N LEU B 228 34.25 4.36 15.71
CA LEU B 228 33.14 3.80 16.53
C LEU B 228 33.59 3.15 17.85
N GLY B 229 34.89 2.90 18.01
CA GLY B 229 35.42 2.24 19.19
C GLY B 229 34.94 2.87 20.50
N ALA B 230 34.37 2.03 21.38
CA ALA B 230 33.98 2.40 22.75
C ALA B 230 32.93 3.52 22.86
N GLY B 231 32.35 3.93 21.73
CA GLY B 231 31.36 5.04 21.73
C GLY B 231 30.01 4.63 22.30
N LYS B 232 29.34 5.59 22.92
CA LYS B 232 27.98 5.41 23.47
C LYS B 232 26.84 5.77 22.42
N PHE B 233 25.94 4.83 22.13
CA PHE B 233 24.94 5.08 21.08
C PHE B 233 23.51 4.84 21.51
N ALA B 234 22.58 5.38 20.72
CA ALA B 234 21.12 5.20 20.90
C ALA B 234 20.45 4.29 19.82
N THR B 235 19.45 3.51 20.25
CA THR B 235 18.68 2.65 19.36
C THR B 235 17.69 3.48 18.54
N ASP B 236 17.71 3.21 17.23
CA ASP B 236 16.74 3.77 16.32
C ASP B 236 15.37 3.20 16.70
N PRO B 237 14.40 4.06 17.07
CA PRO B 237 13.11 3.52 17.46
C PRO B 237 12.31 2.87 16.29
N ALA B 238 12.76 3.00 15.03
CA ALA B 238 12.22 2.23 13.88
C ALA B 238 12.62 0.74 14.00
N VAL B 239 13.80 0.48 14.53
CA VAL B 239 14.23 -0.90 14.80
C VAL B 239 13.34 -1.49 15.89
N THR B 240 13.05 -0.70 16.92
CA THR B 240 12.28 -1.18 18.05
C THR B 240 10.82 -1.49 17.72
N LEU B 241 10.14 -0.58 17.02
CA LEU B 241 8.79 -0.83 16.49
C LEU B 241 8.77 -2.04 15.55
N ALA B 242 9.77 -2.19 14.71
CA ALA B 242 9.82 -3.36 13.79
C ALA B 242 9.99 -4.68 14.57
N HIS B 243 10.79 -4.72 15.63
CA HIS B 243 10.92 -5.88 16.54
C HIS B 243 9.53 -6.35 17.00
N GLU B 244 8.71 -5.39 17.48
CA GLU B 244 7.36 -5.69 18.01
C GLU B 244 6.45 -6.17 16.91
N LEU B 245 6.57 -5.54 15.74
CA LEU B 245 5.82 -5.93 14.55
C LEU B 245 6.20 -7.37 14.12
N ILE B 246 7.43 -7.81 14.27
CA ILE B 246 7.87 -9.21 13.90
C ILE B 246 7.18 -10.27 14.80
N HIS B 247 7.13 -10.04 16.11
CA HIS B 247 6.23 -10.72 17.05
C HIS B 247 4.80 -10.71 16.58
N ALA B 248 4.32 -9.54 16.15
CA ALA B 248 2.92 -9.43 15.74
C ALA B 248 2.65 -10.42 14.61
N GLY B 249 3.55 -10.50 13.64
CA GLY B 249 3.32 -11.37 12.51
C GLY B 249 3.28 -12.83 12.94
N HIS B 250 4.18 -13.22 13.84
CA HIS B 250 4.24 -14.56 14.35
C HIS B 250 2.88 -14.93 14.89
N ARG B 251 2.35 -14.09 15.75
CA ARG B 251 1.12 -14.32 16.51
C ARG B 251 -0.15 -14.24 15.66
N LEU B 252 -0.19 -13.31 14.68
CA LEU B 252 -1.27 -13.26 13.67
C LEU B 252 -1.42 -14.47 12.72
N TYR B 253 -0.31 -15.17 12.44
CA TYR B 253 -0.33 -16.47 11.69
C TYR B 253 -0.35 -17.74 12.61
N GLY B 254 -0.44 -17.51 13.93
CA GLY B 254 -0.64 -18.54 14.94
C GLY B 254 0.54 -19.47 15.14
N ILE B 255 1.75 -18.94 15.00
CA ILE B 255 2.98 -19.76 15.00
C ILE B 255 4.04 -19.29 16.00
N ALA B 256 3.60 -18.67 17.09
CA ALA B 256 4.49 -18.24 18.16
C ALA B 256 5.03 -19.45 19.01
N ILE B 257 6.25 -19.32 19.54
CA ILE B 257 6.80 -20.30 20.49
C ILE B 257 6.40 -19.93 21.93
N ASN B 258 5.74 -20.88 22.59
CA ASN B 258 5.37 -20.80 24.04
C ASN B 258 6.45 -20.15 24.90
N PRO B 259 6.14 -19.03 25.58
CA PRO B 259 7.17 -18.26 26.33
C PRO B 259 7.77 -18.96 27.58
N ASN B 260 7.32 -20.16 27.95
CA ASN B 260 7.99 -20.99 29.00
C ASN B 260 9.03 -22.01 28.46
N ARG B 261 9.23 -22.04 27.14
CA ARG B 261 10.41 -22.65 26.52
C ARG B 261 11.49 -21.58 26.49
N VAL B 262 12.58 -21.77 27.24
CA VAL B 262 13.60 -20.74 27.48
C VAL B 262 15.02 -21.23 27.29
N GLU B 277 17.89 -16.50 31.45
CA GLU B 277 16.47 -16.86 31.37
C GLU B 277 15.73 -16.16 30.21
N VAL B 278 16.12 -16.51 28.99
CA VAL B 278 15.58 -15.86 27.77
C VAL B 278 14.72 -16.81 26.90
N SER B 279 13.51 -16.36 26.58
CA SER B 279 12.59 -17.14 25.75
C SER B 279 13.08 -17.25 24.29
N PHE B 280 12.90 -18.43 23.69
CA PHE B 280 13.30 -18.69 22.28
C PHE B 280 12.57 -17.79 21.29
N GLU B 281 11.33 -17.43 21.62
CA GLU B 281 10.57 -16.46 20.84
C GLU B 281 11.36 -15.16 20.65
N GLU B 282 12.01 -14.69 21.73
CA GLU B 282 12.85 -13.48 21.70
C GLU B 282 14.09 -13.61 20.80
N LEU B 283 14.78 -14.74 20.94
CA LEU B 283 16.03 -15.00 20.22
C LEU B 283 15.80 -15.19 18.71
N ARG B 284 14.71 -15.87 18.37
CA ARG B 284 14.20 -15.97 17.03
C ARG B 284 13.92 -14.60 16.40
N THR B 285 13.30 -13.71 17.18
CA THR B 285 12.86 -12.38 16.70
C THR B 285 14.03 -11.45 16.41
N PHE B 286 15.00 -11.47 17.30
CA PHE B 286 16.26 -10.76 17.13
C PHE B 286 17.06 -11.32 15.93
N GLY B 287 17.27 -12.65 15.94
CA GLY B 287 17.97 -13.33 14.88
C GLY B 287 19.47 -13.15 15.02
N GLY B 288 20.14 -12.98 13.88
CA GLY B 288 21.60 -13.03 13.82
C GLY B 288 22.09 -14.32 14.46
N HIS B 289 23.08 -14.18 15.34
CA HIS B 289 23.69 -15.36 16.00
C HIS B 289 22.77 -15.91 17.11
N ASP B 290 22.27 -15.02 17.97
CA ASP B 290 21.24 -15.36 18.97
C ASP B 290 20.36 -16.55 18.59
N ALA B 291 19.83 -16.50 17.36
CA ALA B 291 19.12 -17.62 16.77
C ALA B 291 20.12 -18.67 16.23
N LYS B 292 21.08 -19.04 17.07
CA LYS B 292 21.81 -20.30 16.96
C LYS B 292 21.72 -21.10 18.27
N PHE B 293 21.33 -20.44 19.36
CA PHE B 293 21.10 -21.06 20.66
C PHE B 293 19.84 -21.94 20.71
N ILE B 294 18.87 -21.66 19.85
CA ILE B 294 17.62 -22.43 19.82
C ILE B 294 17.96 -23.87 19.41
N ASP B 295 17.58 -24.83 20.27
CA ASP B 295 17.80 -26.27 20.08
C ASP B 295 17.29 -26.73 18.70
N SER B 296 18.21 -27.04 17.80
CA SER B 296 17.86 -27.40 16.40
C SER B 296 16.71 -28.41 16.25
N LEU B 297 16.78 -29.50 17.01
CA LEU B 297 15.80 -30.61 16.89
C LEU B 297 14.40 -30.24 17.48
N GLN B 298 14.36 -29.21 18.33
CA GLN B 298 13.10 -28.60 18.77
C GLN B 298 12.52 -27.71 17.66
N GLU B 299 13.41 -27.19 16.81
CA GLU B 299 13.10 -26.09 15.89
C GLU B 299 12.34 -26.50 14.60
N ASN B 300 12.71 -27.63 14.01
CA ASN B 300 11.94 -28.17 12.87
C ASN B 300 10.82 -29.15 13.29
N GLU B 301 10.62 -29.26 14.61
CA GLU B 301 9.45 -29.92 15.18
C GLU B 301 8.24 -28.97 15.10
N PHE B 302 8.51 -27.68 15.36
CA PHE B 302 7.58 -26.59 15.10
C PHE B 302 7.18 -26.54 13.63
N ARG B 303 8.16 -26.54 12.74
CA ARG B 303 7.89 -26.45 11.31
C ARG B 303 6.89 -27.53 10.84
N LEU B 304 7.03 -28.76 11.36
CA LEU B 304 6.14 -29.92 11.06
C LEU B 304 4.78 -29.85 11.79
N TYR B 305 4.82 -29.43 13.05
CA TYR B 305 3.62 -29.18 13.85
C TYR B 305 2.70 -28.16 13.16
N TYR B 306 3.24 -27.00 12.79
CA TYR B 306 2.43 -25.93 12.18
C TYR B 306 2.04 -26.18 10.74
N TYR B 307 2.81 -26.99 10.03
CA TYR B 307 2.35 -27.59 8.76
C TYR B 307 1.05 -28.37 8.92
N ASN B 308 0.96 -29.19 9.97
CA ASN B 308 -0.25 -29.95 10.26
C ASN B 308 -1.39 -29.07 10.74
N LYS B 309 -1.07 -28.03 11.48
CA LYS B 309 -2.08 -27.04 11.86
C LYS B 309 -2.65 -26.28 10.66
N PHE B 310 -1.80 -26.01 9.67
CA PHE B 310 -2.31 -25.36 8.45
C PHE B 310 -3.17 -26.34 7.63
N LYS B 311 -2.84 -27.63 7.68
CA LYS B 311 -3.67 -28.68 7.04
C LYS B 311 -5.07 -28.75 7.66
N ASP B 312 -5.12 -28.65 8.98
CA ASP B 312 -6.38 -28.62 9.72
C ASP B 312 -7.29 -27.42 9.32
N ILE B 313 -6.70 -26.22 9.24
CA ILE B 313 -7.40 -25.00 8.74
C ILE B 313 -7.95 -25.17 7.32
N ALA B 314 -7.12 -25.68 6.40
CA ALA B 314 -7.56 -26.02 5.02
C ALA B 314 -8.86 -26.85 4.97
N SER B 315 -8.97 -27.90 5.79
CA SER B 315 -10.15 -28.78 5.73
C SER B 315 -11.39 -28.23 6.46
N THR B 316 -11.20 -27.42 7.51
CA THR B 316 -12.28 -26.63 8.09
C THR B 316 -12.87 -25.64 7.04
N LEU B 317 -12.06 -25.09 6.16
CA LEU B 317 -12.60 -24.32 5.05
C LEU B 317 -13.39 -25.23 4.05
N ASN B 318 -12.86 -26.43 3.82
CA ASN B 318 -13.50 -27.42 2.95
C ASN B 318 -14.86 -27.90 3.47
N LYS B 319 -15.00 -27.99 4.79
CA LYS B 319 -16.25 -28.37 5.46
C LYS B 319 -17.33 -27.28 5.52
N ALA B 320 -16.94 -26.02 5.38
CA ALA B 320 -17.84 -24.89 5.69
C ALA B 320 -19.05 -24.78 4.76
N LYS B 321 -20.27 -24.60 5.35
CA LYS B 321 -21.55 -24.57 4.56
C LYS B 321 -22.20 -23.21 4.15
N SER B 322 -22.18 -22.10 4.90
CA SER B 322 -22.72 -21.79 6.24
C SER B 322 -21.80 -20.78 6.94
N ILE B 323 -22.22 -19.52 6.94
CA ILE B 323 -21.48 -18.42 7.58
C ILE B 323 -22.37 -17.62 8.56
N VAL B 324 -22.02 -17.65 9.83
CA VAL B 324 -22.70 -16.87 10.86
C VAL B 324 -22.36 -15.41 10.70
N GLY B 325 -23.28 -14.55 11.11
CA GLY B 325 -23.04 -13.14 11.05
C GLY B 325 -23.66 -12.69 9.76
N THR B 326 -23.74 -11.38 9.61
CA THR B 326 -24.67 -10.80 8.65
C THR B 326 -23.99 -10.53 7.30
N THR B 327 -23.13 -9.52 7.27
CA THR B 327 -22.58 -9.05 6.02
C THR B 327 -21.44 -10.00 5.59
N ALA B 328 -21.07 -9.84 4.30
CA ALA B 328 -20.08 -10.71 3.61
C ALA B 328 -20.68 -12.07 3.20
N SER B 329 -20.08 -12.69 2.19
CA SER B 329 -20.48 -14.01 1.74
C SER B 329 -19.60 -15.00 2.49
N LEU B 330 -19.99 -16.29 2.46
CA LEU B 330 -19.09 -17.37 2.86
C LEU B 330 -17.89 -17.39 1.89
N GLN B 331 -18.17 -17.14 0.64
CA GLN B 331 -17.20 -17.19 -0.46
C GLN B 331 -16.10 -16.13 -0.36
N TYR B 332 -16.48 -14.90 -0.02
CA TYR B 332 -15.48 -13.89 0.34
C TYR B 332 -14.55 -14.36 1.49
N MET B 333 -15.09 -14.85 2.60
CA MET B 333 -14.23 -15.29 3.72
C MET B 333 -13.29 -16.48 3.45
N LYS B 334 -13.75 -17.43 2.62
CA LYS B 334 -12.94 -18.64 2.27
C LYS B 334 -11.70 -18.24 1.46
N ASN B 335 -11.95 -17.30 0.57
CA ASN B 335 -10.91 -16.69 -0.26
C ASN B 335 -9.99 -15.68 0.49
N VAL B 336 -10.46 -15.11 1.60
CA VAL B 336 -9.59 -14.30 2.48
C VAL B 336 -8.53 -15.22 3.10
N PHE B 337 -8.93 -16.42 3.49
CA PHE B 337 -8.03 -17.39 4.12
C PHE B 337 -7.23 -18.25 3.16
N LYS B 338 -7.78 -18.57 1.99
CA LYS B 338 -6.94 -19.03 0.86
C LYS B 338 -5.74 -18.06 0.61
N GLU B 339 -6.02 -16.79 0.46
CA GLU B 339 -4.99 -15.77 0.34
C GLU B 339 -4.04 -15.68 1.56
N LYS B 340 -4.56 -15.56 2.78
CA LYS B 340 -3.69 -15.51 4.01
C LYS B 340 -2.63 -16.63 4.07
N TYR B 341 -3.08 -17.88 3.97
CA TYR B 341 -2.26 -19.08 4.15
C TYR B 341 -1.71 -19.65 2.85
N LEU B 342 -2.01 -19.01 1.73
CA LEU B 342 -1.35 -19.38 0.48
C LEU B 342 -1.72 -20.84 0.13
N LEU B 343 -3.04 -21.10 0.15
CA LEU B 343 -3.57 -22.45 0.00
C LEU B 343 -3.74 -22.74 -1.50
N SER B 344 -3.46 -23.98 -1.90
CA SER B 344 -3.74 -24.46 -3.27
C SER B 344 -5.21 -24.80 -3.36
N GLU B 345 -5.74 -24.83 -4.58
CA GLU B 345 -7.15 -25.18 -4.83
C GLU B 345 -7.26 -25.99 -6.11
N ASP B 346 -7.84 -27.19 -6.03
CA ASP B 346 -7.86 -28.07 -7.21
C ASP B 346 -8.99 -27.68 -8.14
N THR B 347 -9.08 -28.40 -9.27
CA THR B 347 -10.11 -28.13 -10.29
C THR B 347 -11.55 -28.21 -9.73
N SER B 348 -11.76 -29.06 -8.72
CA SER B 348 -13.03 -29.13 -7.96
C SER B 348 -13.27 -28.06 -6.87
N GLY B 349 -12.34 -27.11 -6.68
CA GLY B 349 -12.56 -26.02 -5.70
C GLY B 349 -12.19 -26.40 -4.28
N LYS B 350 -11.32 -27.42 -4.18
CA LYS B 350 -10.89 -27.97 -2.89
C LYS B 350 -9.51 -27.44 -2.44
N PHE B 351 -9.44 -26.99 -1.18
CA PHE B 351 -8.20 -26.42 -0.60
C PHE B 351 -7.27 -27.49 0.02
N SER B 352 -5.95 -27.28 -0.13
CA SER B 352 -4.91 -28.10 0.44
C SER B 352 -3.68 -27.23 0.76
N VAL B 353 -2.76 -27.74 1.57
CA VAL B 353 -1.49 -27.08 1.82
C VAL B 353 -0.38 -27.63 0.92
N ASP B 354 0.24 -26.73 0.16
CA ASP B 354 1.44 -26.98 -0.64
C ASP B 354 2.70 -26.74 0.24
N LYS B 355 3.58 -27.74 0.24
CA LYS B 355 4.78 -27.77 1.06
C LYS B 355 5.75 -26.65 0.75
N LEU B 356 5.88 -26.31 -0.54
CA LEU B 356 6.82 -25.26 -0.96
C LEU B 356 6.29 -23.89 -0.58
N LYS B 357 4.98 -23.70 -0.73
CA LYS B 357 4.28 -22.50 -0.24
C LYS B 357 4.35 -22.34 1.31
N PHE B 358 4.36 -23.43 2.06
CA PHE B 358 4.37 -23.37 3.51
C PHE B 358 5.73 -22.92 4.02
N ASP B 359 6.76 -23.65 3.56
CA ASP B 359 8.14 -23.34 3.84
C ASP B 359 8.40 -21.88 3.48
N LYS B 360 7.87 -21.42 2.35
CA LYS B 360 8.06 -20.05 1.91
C LYS B 360 7.53 -19.03 2.94
N LEU B 361 6.25 -19.19 3.29
CA LEU B 361 5.57 -18.35 4.27
C LEU B 361 6.21 -18.47 5.64
N TYR B 362 6.41 -19.72 6.08
CA TYR B 362 6.93 -19.99 7.42
C TYR B 362 8.29 -19.31 7.66
N LYS B 363 9.16 -19.52 6.68
CA LYS B 363 10.56 -19.12 6.71
C LYS B 363 10.65 -17.59 6.60
N MET B 364 9.75 -16.99 5.83
CA MET B 364 9.64 -15.55 5.74
C MET B 364 9.29 -14.98 7.11
N LEU B 365 8.29 -15.55 7.74
CA LEU B 365 7.88 -15.06 9.03
C LEU B 365 8.89 -15.24 10.16
N THR B 366 9.69 -16.30 10.10
CA THR B 366 10.56 -16.73 11.22
C THR B 366 12.05 -16.46 11.05
N GLU B 367 12.53 -16.35 9.81
CA GLU B 367 13.97 -16.17 9.56
C GLU B 367 14.34 -14.90 8.75
N ILE B 368 13.44 -14.42 7.94
CA ILE B 368 13.72 -13.27 7.08
C ILE B 368 13.39 -12.01 7.89
N TYR B 369 12.19 -11.97 8.49
CA TYR B 369 11.74 -10.85 9.32
C TYR B 369 12.36 -10.99 10.71
N THR B 370 13.60 -10.47 10.85
CA THR B 370 14.32 -10.44 12.13
C THR B 370 14.87 -9.03 12.33
N GLU B 371 14.94 -8.61 13.60
CA GLU B 371 15.53 -7.33 13.98
C GLU B 371 16.92 -7.14 13.40
N ASP B 372 17.71 -8.20 13.35
CA ASP B 372 19.04 -8.12 12.76
C ASP B 372 19.02 -7.74 11.27
N ASN B 373 18.06 -8.25 10.49
CA ASN B 373 17.96 -7.88 9.09
C ASN B 373 17.41 -6.46 8.85
N PHE B 374 16.52 -6.01 9.72
CA PHE B 374 16.11 -4.58 9.71
C PHE B 374 17.29 -3.63 9.93
N VAL B 375 18.18 -3.97 10.87
CA VAL B 375 19.43 -3.23 10.99
C VAL B 375 20.14 -3.05 9.63
N LYS B 376 20.23 -4.13 8.84
CA LYS B 376 20.95 -4.10 7.53
C LYS B 376 20.31 -3.13 6.55
N PHE B 377 18.97 -3.09 6.54
CA PHE B 377 18.19 -2.35 5.55
C PHE B 377 18.14 -0.85 5.84
N PHE B 378 18.08 -0.49 7.11
CA PHE B 378 18.13 0.90 7.56
C PHE B 378 19.59 1.39 7.54
N LYS B 379 20.54 0.48 7.75
CA LYS B 379 21.98 0.79 7.88
C LYS B 379 22.26 1.75 9.04
N VAL B 380 21.81 1.31 10.20
CA VAL B 380 22.00 2.02 11.45
C VAL B 380 22.95 1.13 12.28
N LEU B 381 23.40 1.61 13.42
CA LEU B 381 24.20 0.83 14.34
C LEU B 381 23.18 0.29 15.33
N ASN B 382 23.43 -0.87 15.91
CA ASN B 382 22.50 -1.57 16.79
C ASN B 382 23.31 -2.48 17.67
N ARG B 383 22.76 -2.95 18.79
CA ARG B 383 23.43 -3.96 19.61
C ARG B 383 23.51 -5.30 18.87
N LYS B 384 24.42 -6.17 19.27
CA LYS B 384 24.76 -7.35 18.45
C LYS B 384 23.99 -8.60 18.87
N THR B 385 23.56 -8.60 20.13
CA THR B 385 22.83 -9.70 20.76
C THR B 385 21.67 -9.13 21.62
N TYR B 386 20.63 -9.94 21.83
CA TYR B 386 19.48 -9.56 22.70
C TYR B 386 19.96 -9.60 24.16
N LEU B 387 20.90 -10.49 24.45
CA LEU B 387 21.47 -10.64 25.80
C LEU B 387 22.15 -9.35 26.30
N ASN B 388 22.63 -8.49 25.38
CA ASN B 388 23.06 -7.13 25.79
C ASN B 388 21.92 -6.53 26.61
N PHE B 389 22.19 -6.20 27.87
CA PHE B 389 21.23 -5.50 28.71
C PHE B 389 21.32 -4.01 28.34
N ASP B 390 20.20 -3.28 28.39
CA ASP B 390 20.25 -1.83 28.10
C ASP B 390 20.98 -1.10 29.25
N LYS B 391 21.64 -0.02 28.91
CA LYS B 391 22.54 0.59 29.84
C LYS B 391 22.16 2.01 30.20
N ALA B 392 21.22 2.58 29.44
CA ALA B 392 20.73 3.91 29.68
C ALA B 392 19.37 4.05 28.97
N VAL B 393 18.61 5.10 29.32
CA VAL B 393 17.35 5.40 28.64
C VAL B 393 17.24 6.91 28.39
N PHE B 394 16.82 7.27 27.16
CA PHE B 394 16.79 8.67 26.76
C PHE B 394 15.39 9.15 26.34
N LYS B 395 15.13 10.43 26.54
CA LYS B 395 13.97 11.11 26.01
C LYS B 395 14.41 11.68 24.65
N ILE B 396 13.54 11.55 23.63
CA ILE B 396 13.82 11.97 22.26
C ILE B 396 12.60 12.68 21.67
N ASN B 397 12.81 13.47 20.61
CA ASN B 397 11.70 13.98 19.80
C ASN B 397 11.89 13.79 18.28
N ILE B 398 11.08 12.89 17.73
CA ILE B 398 11.38 12.30 16.40
C ILE B 398 10.70 13.09 15.26
N VAL B 399 9.76 13.93 15.63
CA VAL B 399 8.76 14.53 14.71
C VAL B 399 9.31 15.72 13.89
N PRO B 400 10.15 16.59 14.49
CA PRO B 400 10.73 17.62 13.66
C PRO B 400 11.79 17.10 12.72
N LYS B 401 11.70 17.61 11.50
CA LYS B 401 12.49 17.18 10.36
C LYS B 401 14.00 17.43 10.61
N VAL B 402 14.30 18.53 11.32
CA VAL B 402 15.68 18.85 11.74
C VAL B 402 16.29 17.85 12.71
N ASN B 403 15.47 17.08 13.43
CA ASN B 403 15.96 15.98 14.32
C ASN B 403 16.05 14.56 13.74
N TYR B 404 15.16 14.20 12.83
CA TYR B 404 14.97 12.81 12.40
C TYR B 404 14.13 12.76 11.12
N THR B 405 14.53 11.90 10.17
CA THR B 405 13.82 11.75 8.88
C THR B 405 13.47 10.31 8.55
N ILE B 406 12.39 10.16 7.76
CA ILE B 406 11.94 8.91 7.16
C ILE B 406 13.10 8.20 6.54
N TYR B 407 13.76 8.88 5.63
CA TYR B 407 14.78 8.20 4.87
C TYR B 407 16.06 7.95 5.68
N ASP B 408 16.46 8.85 6.59
CA ASP B 408 17.77 8.74 7.28
C ASP B 408 17.80 8.49 8.81
N GLY B 409 16.67 8.57 9.50
CA GLY B 409 16.70 8.49 10.97
C GLY B 409 17.39 9.71 11.59
N PHE B 410 18.19 9.49 12.63
CA PHE B 410 19.06 10.50 13.25
C PHE B 410 20.23 11.01 12.38
N ASN B 411 20.76 10.12 11.53
CA ASN B 411 22.01 10.28 10.73
C ASN B 411 21.81 11.14 9.46
N LEU B 412 21.45 12.40 9.65
CA LEU B 412 20.95 13.28 8.57
C LEU B 412 21.97 13.62 7.50
N ARG B 413 21.57 13.48 6.23
CA ARG B 413 22.47 13.66 5.08
C ARG B 413 22.75 15.12 4.91
N ASN B 414 23.86 15.42 4.28
CA ASN B 414 24.30 16.81 4.26
C ASN B 414 24.25 17.57 5.62
N THR B 415 24.63 16.87 6.68
CA THR B 415 25.02 17.47 7.97
C THR B 415 26.23 16.67 8.48
N ASN B 416 26.88 17.15 9.54
CA ASN B 416 28.00 16.39 10.15
C ASN B 416 27.58 15.05 10.81
N LEU B 417 26.25 14.87 10.91
CA LEU B 417 25.65 13.69 11.50
C LEU B 417 25.58 12.52 10.50
N ALA B 418 25.82 12.83 9.22
CA ALA B 418 25.70 11.87 8.13
C ALA B 418 26.73 10.76 8.23
N ALA B 419 27.94 11.10 8.70
CA ALA B 419 29.09 10.19 8.74
C ALA B 419 29.21 9.47 10.10
N ASN B 420 29.74 8.26 10.07
CA ASN B 420 30.20 7.54 11.25
C ASN B 420 29.15 7.29 12.31
N PHE B 421 27.87 7.36 11.90
CA PHE B 421 26.72 7.13 12.79
C PHE B 421 26.66 8.20 13.91
N ASN B 422 27.01 9.43 13.55
CA ASN B 422 27.15 10.52 14.54
C ASN B 422 25.84 11.02 15.06
N GLY B 423 24.78 10.77 14.28
CA GLY B 423 23.40 11.04 14.70
C GLY B 423 22.93 10.19 15.85
N GLN B 424 23.41 8.94 15.92
CA GLN B 424 23.07 7.98 17.01
C GLN B 424 24.01 8.08 18.23
N ASN B 425 25.18 8.70 18.06
CA ASN B 425 26.04 9.08 19.17
C ASN B 425 25.37 10.10 20.14
N THR B 426 25.28 9.68 21.40
CA THR B 426 24.60 10.40 22.46
C THR B 426 25.50 11.48 23.08
N GLU B 427 26.81 11.29 22.92
CA GLU B 427 27.83 12.29 23.29
C GLU B 427 27.86 13.40 22.21
N ILE B 428 28.07 13.04 20.94
CA ILE B 428 28.09 14.02 19.82
C ILE B 428 26.77 14.70 19.43
N ASN B 429 25.65 13.96 19.39
CA ASN B 429 24.33 14.52 19.06
C ASN B 429 23.56 14.72 20.34
N ASN B 430 24.19 15.24 21.37
CA ASN B 430 23.51 15.38 22.66
C ASN B 430 22.28 16.33 22.65
N MET B 431 22.16 17.24 21.68
CA MET B 431 20.93 18.03 21.52
C MET B 431 19.67 17.18 21.34
N ASN B 432 19.80 15.97 20.81
CA ASN B 432 18.62 15.08 20.56
C ASN B 432 18.42 13.97 21.59
N PHE B 433 19.31 13.84 22.58
CA PHE B 433 19.19 12.79 23.59
C PHE B 433 19.32 13.30 25.02
N THR B 434 18.20 13.35 25.75
CA THR B 434 18.17 13.59 27.20
C THR B 434 18.08 12.30 28.04
N LYS B 435 19.15 12.03 28.77
CA LYS B 435 19.24 10.85 29.63
C LYS B 435 18.41 11.03 30.89
N LEU B 436 17.68 9.99 31.27
CA LEU B 436 16.76 10.03 32.41
C LEU B 436 17.29 9.23 33.62
ZN ZN C . -0.69 9.53 -24.55
N1 AHL D . -1.18 8.05 -29.34
CA AHL D . -1.93 7.29 -28.38
CB AHL D . -1.79 5.78 -28.68
CG AHL D . -1.10 4.95 -27.60
CD AHL D . -1.23 3.45 -27.93
NE AHL D . -0.45 3.19 -29.14
CZ AHL D . 0.88 3.02 -29.31
NH1 AHL D . 1.33 2.79 -30.55
NH2 AHL D . 1.77 3.07 -28.31
C AHL D . -1.49 7.67 -27.00
O1 AHL D . -0.32 7.96 -26.78
N2 AHL D . -2.47 7.65 -26.10
O2 AHL D . -2.22 7.99 -24.78
ZN ZN E . 10.57 -8.95 22.01
N1 AHL F . 11.71 -7.60 26.31
CA AHL F . 11.02 -6.61 25.50
CB AHL F . 12.01 -5.49 25.15
CG AHL F . 11.68 -4.15 25.80
CD AHL F . 11.89 -2.97 24.84
NE AHL F . 13.24 -3.05 24.26
CZ AHL F . 14.43 -2.71 24.77
NH1 AHL F . 14.52 -2.21 26.01
NH2 AHL F . 15.54 -2.86 24.04
C AHL F . 10.57 -7.21 24.19
O1 AHL F . 11.36 -7.86 23.51
N2 AHL F . 9.34 -6.96 23.80
O2 AHL F . 8.92 -7.47 22.59
#